data_5JY8
#
_entry.id   5JY8
#
_cell.length_a   81.377
_cell.length_b   81.377
_cell.length_c   262.283
_cell.angle_alpha   90.00
_cell.angle_beta   90.00
_cell.angle_gamma   90.00
#
_symmetry.space_group_name_H-M   'P 41 21 2'
#
loop_
_entity.id
_entity.type
_entity.pdbx_description
1 polymer 'Isochorismate synthase EntC'
2 non-polymer 'FE (III) ION'
3 non-polymer '(3R,4R)-3-[(1-carboxyethenyl)oxy]-4-hydroxycyclohexa-1,5-diene-1-carboxylic acid'
#
_entity_poly.entity_id   1
_entity_poly.type   'polypeptide(L)'
_entity_poly.pdbx_seq_one_letter_code
;MDTSLAEEVQQTMATLAPNRFFFMSPYRSFTTSGCFARFDEPAVNGDSPDSPFQQKLAALFADAKAQGIKNPVMVGAIPF
DPRQPSSLYIPESWQSFSRQEKQASARRFTRSQSLNVVERQAIPEQTTFEQMVARAAALTATPQVDKVVLSRLIDITTDA
AIDSGVLLERLIAQNPVSYNFHVPLADGGVLLGASPELLLRKDGERFSSIPLAGSARRQPDEVLDREAGNRLLASEKDRH
EHELVTQAMKEVLRERSSELHVPSSPQLITTPTLWHLATPFEGKANSQENALTLACLLHPTPALSGFPHQAATQVIAELE
PFDRELFGGIVGWCDSEGNGEWVVTIRCAKLRENQVRLFAGAGIVPASSPLGEWRETGVKLSTMLNVFGLH
;
_entity_poly.pdbx_strand_id   A,B
#
# COMPACT_ATOMS: atom_id res chain seq x y z
N LEU A 16 -16.87 10.63 22.91
CA LEU A 16 -15.52 11.07 23.21
C LEU A 16 -15.47 12.43 23.89
N ALA A 17 -14.81 12.49 25.04
CA ALA A 17 -14.65 13.77 25.74
C ALA A 17 -13.91 14.77 24.85
N PRO A 18 -14.40 15.99 24.71
CA PRO A 18 -13.67 16.98 23.90
C PRO A 18 -12.26 17.26 24.40
N ASN A 19 -11.91 16.83 25.62
CA ASN A 19 -10.57 17.02 26.16
C ASN A 19 -9.64 15.86 25.83
N ARG A 20 -9.83 15.19 24.70
CA ARG A 20 -9.09 13.97 24.38
C ARG A 20 -8.60 14.02 22.94
N PHE A 21 -7.36 13.62 22.75
CA PHE A 21 -6.78 13.51 21.42
C PHE A 21 -7.19 12.18 20.78
N PHE A 22 -7.59 12.25 19.51
CA PHE A 22 -8.01 11.09 18.74
C PHE A 22 -7.30 11.15 17.40
N PHE A 23 -6.69 10.03 17.01
CA PHE A 23 -5.96 9.95 15.75
C PHE A 23 -6.23 8.58 15.15
N MET A 24 -6.75 8.55 13.93
CA MET A 24 -7.10 7.33 13.23
C MET A 24 -6.25 7.25 11.97
N SER A 25 -5.53 6.15 11.81
CA SER A 25 -4.57 6.06 10.72
C SER A 25 -4.27 4.59 10.44
N PRO A 26 -3.97 4.23 9.19
CA PRO A 26 -3.56 2.85 8.90
C PRO A 26 -2.30 2.45 9.65
N TYR A 27 -1.55 3.41 10.16
CA TYR A 27 -0.29 3.17 10.84
C TYR A 27 -0.51 2.98 12.34
N ARG A 28 -0.89 4.04 13.03
CA ARG A 28 -1.18 3.97 14.47
C ARG A 28 -2.43 4.77 14.76
N SER A 29 -3.43 4.10 15.33
CA SER A 29 -4.69 4.73 15.73
C SER A 29 -4.82 4.61 17.23
N PHE A 30 -4.96 5.74 17.92
CA PHE A 30 -5.01 5.72 19.37
C PHE A 30 -5.79 6.92 19.87
N THR A 31 -6.22 6.83 21.12
CA THR A 31 -6.78 7.95 21.87
C THR A 31 -5.87 8.25 23.05
N THR A 32 -6.04 9.43 23.63
CA THR A 32 -5.32 9.85 24.82
C THR A 32 -6.29 10.16 25.94
N SER A 33 -5.78 10.10 27.16
CA SER A 33 -6.50 10.53 28.35
C SER A 33 -5.59 11.42 29.18
N GLY A 34 -6.17 12.45 29.77
CA GLY A 34 -5.43 13.29 30.69
C GLY A 34 -4.53 14.28 30.00
N CYS A 35 -3.70 14.94 30.81
CA CYS A 35 -2.71 15.89 30.32
C CYS A 35 -1.61 16.02 31.35
N PHE A 36 -0.39 15.67 30.97
CA PHE A 36 0.76 15.81 31.84
C PHE A 36 1.43 17.17 31.70
N ALA A 37 1.75 17.55 30.46
CA ALA A 37 2.42 18.83 30.20
C ALA A 37 2.01 19.34 28.82
N ARG A 38 1.65 20.60 28.74
CA ARG A 38 1.42 21.25 27.46
C ARG A 38 2.74 21.82 26.94
N PHE A 39 2.78 22.08 25.64
CA PHE A 39 4.01 22.44 24.95
C PHE A 39 3.65 23.48 23.89
N ASP A 40 3.93 24.75 24.16
CA ASP A 40 3.63 25.84 23.24
C ASP A 40 4.82 26.28 22.42
N GLU A 41 5.99 25.68 22.62
CA GLU A 41 7.20 26.16 21.97
C GLU A 41 7.00 26.20 20.47
N PRO A 42 7.26 27.33 19.81
CA PRO A 42 7.08 27.39 18.36
C PRO A 42 8.02 26.42 17.65
N ALA A 43 7.48 25.73 16.64
CA ALA A 43 8.22 24.72 15.91
C ALA A 43 9.14 25.30 14.84
N VAL A 44 9.38 26.62 14.84
CA VAL A 44 10.32 27.19 13.89
C VAL A 44 11.69 26.58 14.11
N ASN A 45 12.38 26.28 13.02
CA ASN A 45 13.71 25.66 13.06
C ASN A 45 13.68 24.33 13.78
N GLY A 46 12.51 23.68 13.85
CA GLY A 46 12.44 22.35 14.44
C GLY A 46 13.15 21.27 13.64
N ASP A 47 13.70 21.61 12.47
CA ASP A 47 14.42 20.61 11.67
C ASP A 47 15.81 20.34 12.24
N SER A 48 16.43 21.36 12.95
CA SER A 48 17.73 21.19 13.58
C SER A 48 17.58 20.66 15.01
N PRO A 49 18.37 19.66 15.41
CA PRO A 49 18.32 19.23 16.82
C PRO A 49 18.81 20.29 17.79
N ASP A 50 19.72 21.17 17.38
CA ASP A 50 20.20 22.24 18.25
C ASP A 50 19.15 23.32 18.52
N SER A 51 17.97 23.22 17.91
CA SER A 51 16.98 24.28 18.02
C SER A 51 16.34 24.28 19.40
N PRO A 52 15.90 25.45 19.88
CA PRO A 52 15.19 25.46 21.18
C PRO A 52 14.00 24.53 21.21
N PHE A 53 13.34 24.32 20.07
CA PHE A 53 12.20 23.43 20.00
C PHE A 53 12.61 21.99 20.32
N GLN A 54 13.60 21.48 19.60
CA GLN A 54 14.01 20.09 19.79
C GLN A 54 14.62 19.88 21.17
N GLN A 55 15.38 20.84 21.68
CA GLN A 55 15.95 20.70 23.01
C GLN A 55 14.86 20.71 24.07
N LYS A 56 13.93 21.66 23.97
CA LYS A 56 12.81 21.70 24.92
C LYS A 56 11.95 20.46 24.82
N LEU A 57 11.91 19.83 23.64
CA LEU A 57 11.11 18.62 23.46
C LEU A 57 11.74 17.44 24.18
N ALA A 58 13.06 17.29 24.07
CA ALA A 58 13.75 16.19 24.75
C ALA A 58 13.69 16.37 26.26
N ALA A 59 13.92 17.59 26.75
CA ALA A 59 13.84 17.85 28.18
C ALA A 59 12.46 17.52 28.73
N LEU A 60 11.42 17.70 27.91
CA LEU A 60 10.06 17.45 28.36
C LEU A 60 9.77 15.96 28.41
N PHE A 61 10.12 15.22 27.36
CA PHE A 61 10.04 13.76 27.41
C PHE A 61 10.77 13.23 28.62
N ALA A 62 12.00 13.70 28.84
CA ALA A 62 12.77 13.27 30.00
C ALA A 62 12.03 13.58 31.29
N ASP A 63 11.55 14.81 31.44
CA ASP A 63 10.76 15.15 32.62
C ASP A 63 9.55 14.23 32.74
N ALA A 64 8.95 13.85 31.62
CA ALA A 64 7.76 13.01 31.66
C ALA A 64 8.07 11.61 32.16
N LYS A 65 9.15 11.01 31.66
CA LYS A 65 9.57 9.70 32.16
C LYS A 65 9.96 9.79 33.63
N ALA A 66 10.70 10.84 34.01
CA ALA A 66 11.11 11.00 35.40
C ALA A 66 9.92 11.02 36.35
N GLN A 67 8.77 11.54 35.90
CA GLN A 67 7.60 11.72 36.76
C GLN A 67 6.60 10.58 36.62
N GLY A 68 6.98 9.48 35.98
CA GLY A 68 6.17 8.27 35.98
C GLY A 68 5.50 7.90 34.67
N ILE A 69 5.50 8.78 33.67
CA ILE A 69 4.72 8.55 32.46
C ILE A 69 5.43 7.48 31.61
N LYS A 70 4.81 6.32 31.50
CA LYS A 70 5.33 5.26 30.63
C LYS A 70 5.13 5.64 29.17
N ASN A 71 6.16 5.40 28.35
CA ASN A 71 6.14 5.66 26.91
C ASN A 71 5.40 6.96 26.61
N PRO A 72 5.93 8.10 27.04
CA PRO A 72 5.23 9.35 26.80
C PRO A 72 5.20 9.68 25.32
N VAL A 73 4.12 10.32 24.90
CA VAL A 73 3.92 10.68 23.50
C VAL A 73 3.52 12.13 23.41
N MET A 74 3.97 12.78 22.35
CA MET A 74 3.65 14.17 22.06
C MET A 74 2.58 14.18 20.97
N VAL A 75 1.41 14.73 21.27
CA VAL A 75 0.35 14.88 20.28
C VAL A 75 0.00 16.35 20.18
N GLY A 76 -0.73 16.69 19.12
CA GLY A 76 -1.25 18.03 18.96
C GLY A 76 -1.14 18.55 17.55
N ALA A 77 -1.00 19.87 17.43
CA ALA A 77 -1.07 20.54 16.14
C ALA A 77 -0.06 21.69 16.12
N ILE A 78 0.51 21.93 14.94
CA ILE A 78 1.46 23.02 14.74
C ILE A 78 0.90 23.92 13.64
N PRO A 79 0.87 25.24 13.84
CA PRO A 79 0.21 26.11 12.86
C PRO A 79 0.94 26.16 11.52
N PHE A 80 0.23 26.71 10.53
CA PHE A 80 0.79 26.91 9.20
C PHE A 80 2.10 27.69 9.27
N ASP A 81 2.19 28.64 10.19
CA ASP A 81 3.42 29.41 10.40
C ASP A 81 4.05 29.04 11.74
N PRO A 82 5.10 28.21 11.75
CA PRO A 82 5.63 27.70 13.04
C PRO A 82 6.40 28.73 13.86
N ARG A 83 6.49 29.98 13.41
CA ARG A 83 6.92 31.03 14.31
C ARG A 83 5.89 31.31 15.40
N GLN A 84 4.65 30.85 15.21
CA GLN A 84 3.58 30.97 16.17
C GLN A 84 3.61 29.83 17.17
N PRO A 85 2.93 29.98 18.31
CA PRO A 85 2.97 28.91 19.31
C PRO A 85 2.33 27.63 18.81
N SER A 86 2.82 26.50 19.33
CA SER A 86 2.32 25.20 18.98
C SER A 86 1.19 24.79 19.93
N SER A 87 0.37 23.83 19.48
CA SER A 87 -0.69 23.27 20.29
C SER A 87 -0.42 21.80 20.57
N LEU A 88 0.71 21.53 21.20
CA LEU A 88 1.17 20.17 21.50
C LEU A 88 1.05 19.91 22.99
N TYR A 89 0.91 18.63 23.34
CA TYR A 89 0.87 18.28 24.75
C TYR A 89 1.11 16.78 24.91
N ILE A 90 1.56 16.42 26.11
CA ILE A 90 1.81 15.03 26.47
C ILE A 90 0.67 14.58 27.38
N PRO A 91 -0.12 13.59 27.01
CA PRO A 91 -1.23 13.15 27.86
C PRO A 91 -0.74 12.24 28.99
N GLU A 92 -1.63 12.03 29.95
CA GLU A 92 -1.33 11.13 31.06
C GLU A 92 -1.17 9.70 30.57
N SER A 93 -2.00 9.28 29.61
CA SER A 93 -1.94 7.95 29.05
C SER A 93 -2.43 7.99 27.61
N TRP A 94 -2.26 6.88 26.90
CA TRP A 94 -2.79 6.75 25.56
C TRP A 94 -3.31 5.33 25.35
N GLN A 95 -4.29 5.21 24.45
CA GLN A 95 -5.00 3.96 24.22
C GLN A 95 -5.07 3.67 22.73
N SER A 96 -4.59 2.49 22.35
CA SER A 96 -4.67 2.07 20.96
C SER A 96 -6.03 1.43 20.67
N PHE A 97 -6.46 1.50 19.42
CA PHE A 97 -7.66 0.80 18.98
C PHE A 97 -7.49 0.37 17.53
N SER A 98 -8.27 -0.63 17.14
CA SER A 98 -8.23 -1.09 15.75
C SER A 98 -8.95 -0.10 14.85
N ARG A 99 -8.27 0.29 13.76
CA ARG A 99 -8.89 1.16 12.77
C ARG A 99 -9.98 0.40 12.02
N GLN A 100 -9.70 -0.84 11.61
CA GLN A 100 -10.72 -1.72 11.05
C GLN A 100 -11.99 -1.71 11.90
N GLU A 101 -11.85 -2.04 13.19
CA GLU A 101 -13.02 -2.10 14.06
C GLU A 101 -13.77 -0.77 14.06
N LYS A 102 -13.04 0.33 14.23
CA LYS A 102 -13.68 1.64 14.23
C LYS A 102 -14.36 1.91 12.89
N GLN A 103 -13.77 1.43 11.79
CA GLN A 103 -14.38 1.59 10.48
C GLN A 103 -15.77 0.96 10.39
N ALA A 104 -16.08 0.01 11.27
CA ALA A 104 -17.34 -0.70 11.20
C ALA A 104 -18.35 -0.28 12.26
N SER A 105 -17.91 0.07 13.46
CA SER A 105 -18.84 0.43 14.53
C SER A 105 -19.39 1.84 14.38
N ALA A 106 -18.93 2.61 13.39
CA ALA A 106 -19.43 3.96 13.17
C ALA A 106 -20.12 4.07 11.81
N SER A 114 -29.70 18.56 17.71
CA SER A 114 -30.04 19.47 16.62
C SER A 114 -28.95 20.54 16.44
N LEU A 115 -28.99 21.25 15.30
CA LEU A 115 -27.93 22.21 14.96
C LEU A 115 -28.58 23.47 14.37
N ASN A 116 -29.12 24.30 15.25
CA ASN A 116 -29.62 25.60 14.83
C ASN A 116 -28.48 26.50 14.39
N VAL A 117 -28.75 27.33 13.39
CA VAL A 117 -27.76 28.28 12.88
C VAL A 117 -28.24 29.68 13.22
N VAL A 118 -27.28 30.57 13.49
CA VAL A 118 -27.59 31.92 13.96
C VAL A 118 -26.89 32.95 13.09
N GLU A 119 -25.68 32.62 12.63
CA GLU A 119 -24.98 33.45 11.66
C GLU A 119 -24.19 32.53 10.75
N ARG A 120 -24.06 32.95 9.48
CA ARG A 120 -23.28 32.24 8.48
C ARG A 120 -22.56 33.27 7.64
N GLN A 121 -21.24 33.14 7.50
CA GLN A 121 -20.51 34.07 6.67
C GLN A 121 -19.33 33.38 6.00
N ALA A 122 -19.16 33.67 4.72
CA ALA A 122 -17.97 33.26 3.98
C ALA A 122 -16.92 34.35 4.10
N ILE A 123 -15.71 33.96 4.47
CA ILE A 123 -14.59 34.89 4.56
C ILE A 123 -13.48 34.41 3.65
N PRO A 124 -13.32 35.04 2.47
CA PRO A 124 -14.13 36.05 1.80
C PRO A 124 -15.27 35.46 0.97
N GLU A 125 -16.16 36.32 0.47
CA GLU A 125 -17.27 35.87 -0.37
C GLU A 125 -16.79 35.69 -1.81
N GLN A 126 -17.71 35.25 -2.67
CA GLN A 126 -17.31 34.70 -3.97
C GLN A 126 -16.47 35.68 -4.78
N THR A 127 -16.99 36.89 -4.97
CA THR A 127 -16.31 37.84 -5.85
C THR A 127 -14.91 38.18 -5.34
N THR A 128 -14.78 38.42 -4.04
CA THR A 128 -13.46 38.77 -3.50
C THR A 128 -12.47 37.62 -3.67
N PHE A 129 -12.95 36.38 -3.55
CA PHE A 129 -12.04 35.24 -3.69
C PHE A 129 -11.57 35.10 -5.13
N GLU A 130 -12.49 35.18 -6.08
CA GLU A 130 -12.12 35.10 -7.49
C GLU A 130 -11.13 36.19 -7.87
N GLN A 131 -11.29 37.39 -7.30
CA GLN A 131 -10.32 38.45 -7.54
C GLN A 131 -8.99 38.15 -6.87
N MET A 132 -9.01 37.46 -5.72
CA MET A 132 -7.76 37.05 -5.09
C MET A 132 -7.02 36.03 -5.95
N VAL A 133 -7.72 34.99 -6.42
CA VAL A 133 -7.12 34.02 -7.32
C VAL A 133 -6.55 34.71 -8.55
N ALA A 134 -7.30 35.66 -9.11
CA ALA A 134 -6.87 36.31 -10.35
C ALA A 134 -5.58 37.09 -10.14
N ARG A 135 -5.47 37.83 -9.03
CA ARG A 135 -4.24 38.55 -8.76
C ARG A 135 -3.08 37.59 -8.54
N ALA A 136 -3.34 36.44 -7.90
CA ALA A 136 -2.27 35.50 -7.64
C ALA A 136 -1.86 34.76 -8.91
N ALA A 137 -2.84 34.35 -9.73
CA ALA A 137 -2.50 33.71 -11.01
C ALA A 137 -1.73 34.66 -11.91
N ALA A 138 -2.01 35.96 -11.82
CA ALA A 138 -1.20 36.94 -12.54
C ALA A 138 0.22 36.98 -12.00
N LEU A 139 0.37 36.92 -10.67
CA LEU A 139 1.70 36.99 -10.07
C LEU A 139 2.50 35.73 -10.37
N THR A 140 1.85 34.57 -10.43
CA THR A 140 2.59 33.34 -10.71
C THR A 140 3.07 33.27 -12.15
N ALA A 141 2.46 34.05 -13.05
CA ALA A 141 2.97 34.16 -14.41
C ALA A 141 4.28 34.92 -14.49
N THR A 142 4.72 35.51 -13.39
CA THR A 142 5.95 36.26 -13.32
C THR A 142 7.04 35.42 -12.67
N PRO A 143 8.30 35.88 -12.72
CA PRO A 143 9.38 35.06 -12.14
C PRO A 143 9.32 34.93 -10.63
N GLN A 144 8.89 35.99 -9.92
CA GLN A 144 9.06 36.02 -8.46
C GLN A 144 8.28 34.92 -7.75
N VAL A 145 7.26 34.34 -8.37
CA VAL A 145 6.49 33.28 -7.74
C VAL A 145 5.97 32.34 -8.82
N ASP A 146 5.94 31.04 -8.49
CA ASP A 146 5.47 30.01 -9.41
C ASP A 146 4.13 29.41 -8.99
N LYS A 147 3.70 29.64 -7.75
CA LYS A 147 2.51 28.99 -7.21
C LYS A 147 2.16 29.68 -5.89
N VAL A 148 0.87 29.74 -5.59
CA VAL A 148 0.39 30.28 -4.33
C VAL A 148 -0.83 29.47 -3.89
N VAL A 149 -0.91 29.20 -2.59
CA VAL A 149 -2.07 28.54 -2.01
C VAL A 149 -2.89 29.61 -1.30
N LEU A 150 -4.01 29.98 -1.88
CA LEU A 150 -4.97 30.88 -1.25
C LEU A 150 -6.06 30.06 -0.55
N SER A 151 -6.73 30.70 0.39
CA SER A 151 -7.68 29.99 1.24
C SER A 151 -8.85 30.88 1.57
N ARG A 152 -9.95 30.24 1.98
CA ARG A 152 -11.10 30.93 2.50
C ARG A 152 -11.73 30.07 3.59
N LEU A 153 -12.60 30.70 4.37
CA LEU A 153 -13.25 30.05 5.51
C LEU A 153 -14.75 30.20 5.40
N ILE A 154 -15.45 29.43 6.22
CA ILE A 154 -16.86 29.64 6.49
C ILE A 154 -17.02 29.68 8.00
N ASP A 155 -17.46 30.82 8.51
CA ASP A 155 -17.68 31.00 9.94
C ASP A 155 -19.15 30.81 10.25
N ILE A 156 -19.44 29.91 11.18
CA ILE A 156 -20.80 29.56 11.56
C ILE A 156 -20.96 29.68 13.06
N THR A 157 -21.97 30.42 13.50
CA THR A 157 -22.37 30.43 14.90
C THR A 157 -23.66 29.63 15.05
N THR A 158 -23.72 28.86 16.12
CA THR A 158 -24.92 28.12 16.50
C THR A 158 -25.46 28.68 17.81
N ASP A 159 -26.57 28.10 18.26
CA ASP A 159 -27.26 28.60 19.45
C ASP A 159 -26.90 27.83 20.71
N ALA A 160 -25.95 26.90 20.62
CA ALA A 160 -25.68 25.98 21.72
C ALA A 160 -24.24 25.51 21.61
N ALA A 161 -23.82 24.69 22.58
CA ALA A 161 -22.51 24.07 22.53
C ALA A 161 -22.55 22.85 21.62
N ILE A 162 -21.47 22.63 20.90
CA ILE A 162 -21.38 21.55 19.92
C ILE A 162 -20.75 20.34 20.59
N ASP A 163 -21.37 19.18 20.40
CA ASP A 163 -20.79 17.91 20.86
C ASP A 163 -19.77 17.47 19.83
N SER A 164 -18.48 17.72 20.13
CA SER A 164 -17.43 17.30 19.22
C SER A 164 -17.32 15.78 19.14
N GLY A 165 -17.76 15.05 20.18
CA GLY A 165 -17.69 13.61 20.14
C GLY A 165 -18.58 13.00 19.09
N VAL A 166 -19.71 13.64 18.79
CA VAL A 166 -20.66 13.10 17.83
C VAL A 166 -20.31 13.50 16.41
N LEU A 167 -19.87 14.74 16.19
CA LEU A 167 -19.30 15.10 14.90
C LEU A 167 -18.21 14.12 14.50
N LEU A 168 -17.42 13.66 15.48
CA LEU A 168 -16.34 12.74 15.17
C LEU A 168 -16.87 11.42 14.62
N GLU A 169 -17.86 10.84 15.29
CA GLU A 169 -18.44 9.59 14.79
C GLU A 169 -19.03 9.79 13.40
N ARG A 170 -19.69 10.94 13.17
CA ARG A 170 -20.17 11.25 11.83
C ARG A 170 -19.00 11.37 10.86
N LEU A 171 -17.92 12.01 11.29
CA LEU A 171 -16.78 12.26 10.41
C LEU A 171 -16.13 10.96 9.96
N ILE A 172 -15.92 10.02 10.89
CA ILE A 172 -15.29 8.75 10.54
C ILE A 172 -16.17 7.97 9.56
N ALA A 173 -17.47 7.92 9.84
CA ALA A 173 -18.41 7.23 8.95
C ALA A 173 -18.28 7.75 7.52
N GLN A 174 -18.31 9.07 7.36
CA GLN A 174 -18.23 9.66 6.02
C GLN A 174 -16.83 9.56 5.43
N ASN A 175 -15.81 9.45 6.27
CA ASN A 175 -14.41 9.37 5.82
C ASN A 175 -13.71 8.21 6.52
N PRO A 176 -14.17 6.97 6.27
CA PRO A 176 -13.64 5.82 7.01
C PRO A 176 -12.21 5.47 6.68
N VAL A 177 -11.56 6.18 5.76
CA VAL A 177 -10.27 5.76 5.23
C VAL A 177 -9.19 6.80 5.42
N SER A 178 -9.54 8.08 5.58
CA SER A 178 -8.55 9.13 5.72
C SER A 178 -7.90 9.11 7.10
N TYR A 179 -6.98 10.04 7.32
CA TYR A 179 -6.39 10.29 8.63
C TYR A 179 -7.32 11.24 9.38
N ASN A 180 -8.13 10.70 10.28
CA ASN A 180 -9.14 11.48 11.00
C ASN A 180 -8.61 11.84 12.38
N PHE A 181 -8.74 13.11 12.76
CA PHE A 181 -8.16 13.60 14.00
C PHE A 181 -9.16 14.48 14.74
N HIS A 182 -9.05 14.44 16.07
CA HIS A 182 -9.84 15.28 16.98
C HIS A 182 -8.87 15.72 18.07
N VAL A 183 -8.53 17.00 18.08
CA VAL A 183 -7.45 17.53 18.90
C VAL A 183 -8.02 18.52 19.91
N PRO A 184 -7.88 18.27 21.21
CA PRO A 184 -8.22 19.31 22.20
C PRO A 184 -7.24 20.47 22.13
N LEU A 185 -7.77 21.68 22.33
CA LEU A 185 -7.00 22.91 22.20
C LEU A 185 -7.02 23.67 23.51
N ALA A 186 -5.99 24.49 23.72
CA ALA A 186 -5.84 25.23 24.97
C ALA A 186 -6.89 26.31 25.18
N ASP A 187 -7.85 26.46 24.28
CA ASP A 187 -8.87 27.50 24.38
C ASP A 187 -10.26 26.92 24.57
N GLY A 188 -10.36 25.64 24.93
CA GLY A 188 -11.65 25.00 25.05
C GLY A 188 -12.27 24.59 23.73
N GLY A 189 -11.55 24.74 22.63
CA GLY A 189 -12.03 24.31 21.33
C GLY A 189 -11.50 22.94 20.94
N VAL A 190 -11.79 22.57 19.71
CA VAL A 190 -11.33 21.32 19.13
C VAL A 190 -10.88 21.58 17.70
N LEU A 191 -9.84 20.87 17.29
CA LEU A 191 -9.46 20.77 15.89
C LEU A 191 -9.91 19.41 15.38
N LEU A 192 -10.76 19.42 14.37
CA LEU A 192 -11.45 18.23 13.88
C LEU A 192 -11.29 18.19 12.37
N GLY A 193 -11.05 17.01 11.82
CA GLY A 193 -10.87 16.92 10.38
C GLY A 193 -10.59 15.50 9.93
N ALA A 194 -10.79 15.29 8.64
CA ALA A 194 -10.48 14.02 7.97
C ALA A 194 -9.46 14.35 6.88
N SER A 195 -8.18 14.33 7.26
CA SER A 195 -7.15 14.73 6.30
C SER A 195 -6.83 13.57 5.35
N PRO A 196 -6.59 13.85 4.07
CA PRO A 196 -6.05 12.83 3.17
C PRO A 196 -4.56 12.97 2.86
N GLU A 197 -3.86 13.96 3.41
CA GLU A 197 -2.47 14.23 3.03
C GLU A 197 -1.53 13.89 4.19
N LEU A 198 -0.76 12.82 4.03
CA LEU A 198 0.31 12.48 4.97
C LEU A 198 1.53 13.35 4.68
N LEU A 199 1.96 14.12 5.68
CA LEU A 199 3.17 14.92 5.50
C LEU A 199 4.42 14.12 5.80
N LEU A 200 4.44 13.41 6.94
CA LEU A 200 5.64 12.67 7.33
C LEU A 200 5.26 11.56 8.29
N ARG A 201 5.50 10.32 7.89
CA ARG A 201 5.49 9.18 8.79
C ARG A 201 6.91 8.75 9.04
N LYS A 202 7.24 8.49 10.30
CA LYS A 202 8.51 7.92 10.67
C LYS A 202 8.27 6.63 11.44
N ASP A 203 8.95 5.56 11.02
CA ASP A 203 8.68 4.22 11.50
C ASP A 203 10.03 3.50 11.52
N GLY A 204 10.85 3.87 12.51
CA GLY A 204 12.24 3.46 12.52
C GLY A 204 13.11 4.51 11.86
N GLU A 205 14.17 4.08 11.17
CA GLU A 205 14.97 5.02 10.39
C GLU A 205 14.32 5.37 9.06
N ARG A 206 13.28 4.65 8.65
CA ARG A 206 12.62 4.90 7.38
C ARG A 206 11.43 5.82 7.60
N PHE A 207 11.23 6.74 6.66
CA PHE A 207 10.11 7.66 6.69
C PHE A 207 9.40 7.62 5.34
N SER A 208 8.14 8.03 5.34
CA SER A 208 7.37 8.18 4.13
C SER A 208 6.67 9.52 4.13
N SER A 209 6.25 9.95 2.95
CA SER A 209 5.50 11.19 2.80
C SER A 209 4.77 11.15 1.47
N ILE A 210 3.49 11.47 1.49
CA ILE A 210 2.66 11.34 0.28
C ILE A 210 1.97 12.68 0.05
N PRO A 211 2.65 13.66 -0.52
CA PRO A 211 2.01 14.94 -0.80
C PRO A 211 0.92 14.81 -1.85
N LEU A 212 -0.08 15.68 -1.74
CA LEU A 212 -1.17 15.73 -2.70
C LEU A 212 -1.21 17.11 -3.36
N ALA A 213 -1.62 17.13 -4.62
CA ALA A 213 -1.78 18.39 -5.36
C ALA A 213 -2.51 18.13 -6.66
N GLY A 214 -3.61 18.81 -6.88
CA GLY A 214 -4.47 18.58 -8.04
C GLY A 214 -5.73 17.85 -7.58
N SER A 215 -6.87 18.22 -8.17
CA SER A 215 -8.13 17.72 -7.66
C SER A 215 -9.16 17.63 -8.78
N ALA A 216 -10.16 16.77 -8.57
CA ALA A 216 -11.27 16.62 -9.51
C ALA A 216 -12.45 16.00 -8.77
N ARG A 217 -13.61 16.64 -8.86
CA ARG A 217 -14.82 16.12 -8.23
C ARG A 217 -15.06 14.68 -8.67
N ARG A 218 -15.42 13.82 -7.71
CA ARG A 218 -15.86 12.48 -8.05
C ARG A 218 -17.27 12.55 -8.65
N GLN A 219 -17.50 11.74 -9.64
CA GLN A 219 -18.82 11.72 -10.25
C GLN A 219 -19.65 10.56 -9.69
N PRO A 220 -20.97 10.73 -9.56
CA PRO A 220 -21.78 9.66 -8.95
C PRO A 220 -21.82 8.38 -9.77
N ASP A 221 -21.54 8.44 -11.05
CA ASP A 221 -21.49 7.26 -11.91
C ASP A 221 -20.05 6.78 -12.06
N GLU A 222 -19.87 5.46 -12.01
CA GLU A 222 -18.51 4.89 -11.97
C GLU A 222 -17.78 5.03 -13.30
N VAL A 223 -18.45 5.49 -14.36
CA VAL A 223 -17.76 5.79 -15.61
C VAL A 223 -17.36 7.26 -15.68
N LEU A 224 -18.29 8.15 -15.34
CA LEU A 224 -17.93 9.55 -15.12
C LEU A 224 -16.82 9.66 -14.08
N ASP A 225 -16.88 8.83 -13.05
CA ASP A 225 -15.86 8.82 -12.01
C ASP A 225 -14.51 8.40 -12.57
N ARG A 226 -14.43 7.20 -13.15
CA ARG A 226 -13.17 6.76 -13.75
C ARG A 226 -12.66 7.74 -14.78
N GLU A 227 -13.58 8.36 -15.54
CA GLU A 227 -13.17 9.34 -16.54
C GLU A 227 -12.64 10.60 -15.87
N ALA A 228 -13.35 11.10 -14.85
CA ALA A 228 -12.85 12.24 -14.10
C ALA A 228 -11.44 11.99 -13.60
N GLY A 229 -11.17 10.76 -13.13
CA GLY A 229 -9.83 10.44 -12.68
C GLY A 229 -8.81 10.46 -13.79
N ASN A 230 -9.22 10.05 -15.00
CA ASN A 230 -8.29 10.05 -16.13
C ASN A 230 -8.02 11.46 -16.62
N ARG A 231 -9.05 12.30 -16.71
CA ARG A 231 -8.83 13.70 -17.08
C ARG A 231 -7.86 14.37 -16.12
N LEU A 232 -7.89 13.97 -14.85
CA LEU A 232 -6.96 14.53 -13.87
C LEU A 232 -5.52 14.14 -14.20
N LEU A 233 -5.27 12.85 -14.41
CA LEU A 233 -3.94 12.39 -14.80
C LEU A 233 -3.48 13.02 -16.10
N ALA A 234 -4.41 13.46 -16.95
CA ALA A 234 -4.06 14.13 -18.19
C ALA A 234 -4.01 15.63 -18.07
N SER A 235 -4.49 16.19 -16.95
CA SER A 235 -4.60 17.64 -16.81
C SER A 235 -3.21 18.25 -16.66
N GLU A 236 -2.82 19.09 -17.63
CA GLU A 236 -1.54 19.76 -17.54
C GLU A 236 -1.50 20.75 -16.39
N LYS A 237 -2.62 21.43 -16.13
CA LYS A 237 -2.67 22.39 -15.04
C LYS A 237 -2.46 21.70 -13.70
N ASP A 238 -3.23 20.64 -13.45
CA ASP A 238 -3.16 19.95 -12.16
C ASP A 238 -1.86 19.19 -11.97
N ARG A 239 -1.13 18.89 -13.06
CA ARG A 239 0.15 18.22 -12.94
C ARG A 239 1.31 19.19 -12.75
N HIS A 240 1.24 20.37 -13.34
CA HIS A 240 2.20 21.42 -13.02
C HIS A 240 2.07 21.82 -11.56
N GLU A 241 0.82 22.02 -11.11
CA GLU A 241 0.52 22.20 -9.70
C GLU A 241 1.20 21.15 -8.83
N HIS A 242 1.38 19.95 -9.36
CA HIS A 242 1.93 18.83 -8.59
C HIS A 242 3.46 18.78 -8.65
N GLU A 243 4.04 18.81 -9.85
CA GLU A 243 5.50 18.73 -9.96
C GLU A 243 6.17 19.83 -9.15
N LEU A 244 5.54 21.01 -9.06
CA LEU A 244 6.08 22.07 -8.23
C LEU A 244 6.26 21.60 -6.79
N VAL A 245 5.35 20.76 -6.31
CA VAL A 245 5.42 20.30 -4.93
C VAL A 245 6.49 19.24 -4.76
N THR A 246 6.48 18.21 -5.62
CA THR A 246 7.41 17.10 -5.47
C THR A 246 8.84 17.55 -5.73
N GLN A 247 9.04 18.46 -6.69
CA GLN A 247 10.40 18.90 -6.97
C GLN A 247 10.98 19.67 -5.79
N ALA A 248 10.14 20.41 -5.05
CA ALA A 248 10.63 21.12 -3.87
C ALA A 248 11.06 20.14 -2.78
N MET A 249 10.24 19.11 -2.53
CA MET A 249 10.53 18.17 -1.45
C MET A 249 11.68 17.24 -1.81
N LYS A 250 11.70 16.74 -3.04
CA LYS A 250 12.82 15.96 -3.55
C LYS A 250 14.14 16.63 -3.19
N GLU A 251 14.21 17.95 -3.34
CA GLU A 251 15.44 18.68 -3.04
C GLU A 251 15.70 18.75 -1.55
N VAL A 252 14.71 19.21 -0.77
CA VAL A 252 14.87 19.33 0.67
C VAL A 252 15.32 18.00 1.27
N LEU A 253 14.71 16.89 0.83
CA LEU A 253 15.01 15.58 1.39
C LEU A 253 16.29 14.98 0.82
N ARG A 254 16.73 15.41 -0.37
CA ARG A 254 17.97 14.89 -0.92
C ARG A 254 19.14 15.16 0.01
N GLU A 255 19.12 16.30 0.70
CA GLU A 255 20.22 16.70 1.58
C GLU A 255 20.22 15.94 2.90
N ARG A 256 19.12 15.26 3.25
CA ARG A 256 18.96 14.67 4.58
C ARG A 256 18.69 13.18 4.57
N SER A 257 18.66 12.53 3.41
CA SER A 257 18.35 11.12 3.31
C SER A 257 19.55 10.36 2.75
N SER A 258 19.46 9.04 2.84
CA SER A 258 20.45 8.15 2.25
C SER A 258 19.86 7.27 1.16
N GLU A 259 18.66 6.76 1.38
CA GLU A 259 17.83 6.22 0.31
C GLU A 259 16.61 7.12 0.19
N LEU A 260 16.15 7.35 -1.04
CA LEU A 260 15.01 8.24 -1.25
C LEU A 260 14.37 7.88 -2.58
N HIS A 261 13.16 7.34 -2.54
CA HIS A 261 12.46 6.88 -3.73
C HIS A 261 11.30 7.83 -4.03
N VAL A 262 11.34 8.48 -5.19
CA VAL A 262 10.30 9.40 -5.61
C VAL A 262 9.89 9.08 -7.04
N PRO A 263 8.70 8.54 -7.27
CA PRO A 263 8.26 8.31 -8.66
C PRO A 263 8.28 9.58 -9.48
N SER A 264 8.76 9.44 -10.72
CA SER A 264 8.83 10.56 -11.65
C SER A 264 7.46 11.13 -11.97
N SER A 265 6.40 10.38 -11.70
CA SER A 265 5.04 10.78 -12.00
C SER A 265 4.15 10.43 -10.82
N PRO A 266 2.95 11.01 -10.76
CA PRO A 266 2.03 10.71 -9.66
C PRO A 266 1.10 9.55 -9.97
N GLN A 267 0.46 9.06 -8.92
CA GLN A 267 -0.67 8.15 -9.01
C GLN A 267 -1.94 8.88 -8.56
N LEU A 268 -3.06 8.18 -8.61
CA LEU A 268 -4.33 8.74 -8.16
C LEU A 268 -4.71 8.15 -6.80
N ILE A 269 -5.39 8.97 -6.00
CA ILE A 269 -6.06 8.53 -4.79
C ILE A 269 -7.43 9.19 -4.75
N THR A 270 -8.22 8.84 -3.74
CA THR A 270 -9.60 9.29 -3.69
C THR A 270 -10.00 9.66 -2.27
N THR A 271 -10.99 10.53 -2.20
CA THR A 271 -11.78 10.80 -1.00
C THR A 271 -13.23 10.78 -1.46
N PRO A 272 -14.18 10.74 -0.52
CA PRO A 272 -15.59 10.69 -0.94
C PRO A 272 -16.01 11.84 -1.82
N THR A 273 -15.27 12.96 -1.83
CA THR A 273 -15.61 14.12 -2.65
C THR A 273 -14.71 14.34 -3.84
N LEU A 274 -13.43 13.95 -3.76
CA LEU A 274 -12.45 14.39 -4.75
C LEU A 274 -11.51 13.28 -5.15
N TRP A 275 -10.99 13.39 -6.37
CA TRP A 275 -9.76 12.73 -6.77
C TRP A 275 -8.58 13.65 -6.44
N HIS A 276 -7.43 13.05 -6.18
CA HIS A 276 -6.20 13.82 -6.01
C HIS A 276 -5.06 13.11 -6.73
N LEU A 277 -3.97 13.85 -6.92
CA LEU A 277 -2.74 13.30 -7.46
C LEU A 277 -1.74 13.13 -6.32
N ALA A 278 -1.07 11.97 -6.28
CA ALA A 278 -0.21 11.62 -5.18
C ALA A 278 1.12 11.11 -5.71
N THR A 279 2.21 11.54 -5.08
CA THR A 279 3.53 10.95 -5.30
C THR A 279 4.06 10.45 -3.96
N PRO A 280 4.17 9.13 -3.75
CA PRO A 280 4.67 8.63 -2.46
C PRO A 280 6.18 8.75 -2.35
N PHE A 281 6.64 9.40 -1.28
CA PHE A 281 8.06 9.50 -0.94
C PHE A 281 8.43 8.39 0.04
N GLU A 282 9.61 7.81 -0.15
CA GLU A 282 10.17 6.83 0.75
C GLU A 282 11.64 7.13 0.95
N GLY A 283 12.09 7.21 2.21
CA GLY A 283 13.49 7.48 2.47
C GLY A 283 14.00 6.87 3.75
N LYS A 284 15.32 6.94 3.91
CA LYS A 284 16.00 6.54 5.13
C LYS A 284 16.60 7.79 5.78
N ALA A 285 16.43 7.92 7.09
CA ALA A 285 16.77 9.14 7.81
C ALA A 285 18.07 8.98 8.57
N ASN A 286 18.87 10.05 8.60
CA ASN A 286 20.14 10.07 9.33
C ASN A 286 19.92 9.70 10.79
N SER A 287 21.02 9.60 11.55
CA SER A 287 20.96 9.00 12.88
C SER A 287 20.11 9.83 13.84
N GLN A 288 20.21 11.16 13.77
CA GLN A 288 19.57 12.04 14.73
C GLN A 288 18.40 12.80 14.11
N GLU A 289 17.57 12.09 13.34
CA GLU A 289 16.28 12.61 12.92
C GLU A 289 15.19 11.98 13.78
N ASN A 290 14.03 12.62 13.79
CA ASN A 290 12.84 12.05 14.39
C ASN A 290 11.64 12.51 13.57
N ALA A 291 10.46 12.04 13.96
CA ALA A 291 9.25 12.39 13.22
C ALA A 291 9.14 13.90 13.04
N LEU A 292 9.51 14.67 14.06
CA LEU A 292 9.27 16.10 14.05
C LEU A 292 10.36 16.88 13.33
N THR A 293 11.64 16.58 13.57
CA THR A 293 12.69 17.20 12.77
C THR A 293 12.36 17.10 11.29
N LEU A 294 11.86 15.95 10.84
CA LEU A 294 11.56 15.76 9.43
C LEU A 294 10.26 16.43 9.04
N ALA A 295 9.25 16.40 9.91
CA ALA A 295 8.01 17.09 9.59
C ALA A 295 8.20 18.60 9.59
N CYS A 296 8.99 19.13 10.52
CA CYS A 296 9.32 20.56 10.50
C CYS A 296 10.17 20.92 9.30
N LEU A 297 10.94 19.97 8.77
CA LEU A 297 11.72 20.21 7.57
C LEU A 297 10.80 20.54 6.39
N LEU A 298 9.86 19.65 6.09
CA LEU A 298 9.04 19.76 4.89
C LEU A 298 7.94 20.82 5.01
N HIS A 299 7.60 21.25 6.21
CA HIS A 299 6.34 21.95 6.43
C HIS A 299 6.49 23.48 6.47
N PRO A 300 5.58 24.22 5.78
CA PRO A 300 4.53 23.74 4.88
C PRO A 300 5.04 23.50 3.47
N THR A 301 4.55 22.44 2.82
CA THR A 301 4.96 22.12 1.47
C THR A 301 4.24 23.02 0.47
N PRO A 302 4.69 23.06 -0.77
CA PRO A 302 4.02 23.91 -1.77
C PRO A 302 2.59 23.48 -2.07
N ALA A 303 2.09 22.45 -1.40
CA ALA A 303 0.67 22.17 -1.42
C ALA A 303 -0.11 23.10 -0.51
N LEU A 304 0.56 23.75 0.44
CA LEU A 304 -0.10 24.57 1.45
C LEU A 304 0.36 26.01 1.50
N SER A 305 1.60 26.30 1.15
CA SER A 305 2.13 27.65 1.17
C SER A 305 2.39 28.17 -0.25
N GLY A 306 3.18 27.44 -1.02
CA GLY A 306 3.45 27.78 -2.40
C GLY A 306 4.91 27.61 -2.69
N PHE A 307 5.31 28.05 -3.89
CA PHE A 307 6.71 27.99 -4.30
C PHE A 307 7.13 29.26 -5.06
N PRO A 308 8.28 29.84 -4.70
CA PRO A 308 9.10 29.59 -3.50
C PRO A 308 8.31 29.84 -2.21
N HIS A 309 8.79 29.33 -1.08
CA HIS A 309 7.99 29.37 0.15
C HIS A 309 7.75 30.81 0.61
N GLN A 310 8.83 31.57 0.84
CA GLN A 310 8.69 32.93 1.35
C GLN A 310 7.84 33.78 0.41
N ALA A 311 8.17 33.77 -0.88
CA ALA A 311 7.41 34.55 -1.85
C ALA A 311 5.91 34.28 -1.73
N ALA A 312 5.52 33.00 -1.85
CA ALA A 312 4.11 32.65 -1.73
C ALA A 312 3.56 33.05 -0.38
N THR A 313 4.36 32.95 0.69
CA THR A 313 3.90 33.39 2.00
C THR A 313 3.65 34.88 2.03
N GLN A 314 4.41 35.66 1.26
CA GLN A 314 4.17 37.09 1.19
C GLN A 314 2.88 37.40 0.45
N VAL A 315 2.55 36.61 -0.58
CA VAL A 315 1.28 36.80 -1.28
C VAL A 315 0.12 36.46 -0.35
N ILE A 316 0.16 35.27 0.25
CA ILE A 316 -0.89 34.87 1.19
C ILE A 316 -1.16 35.98 2.19
N ALA A 317 -0.11 36.59 2.73
CA ALA A 317 -0.27 37.67 3.68
C ALA A 317 -0.83 38.93 3.01
N GLU A 318 -0.43 39.19 1.77
CA GLU A 318 -0.93 40.35 1.05
C GLU A 318 -2.41 40.23 0.69
N LEU A 319 -2.94 39.00 0.58
CA LEU A 319 -4.25 38.78 0.00
C LEU A 319 -5.28 38.12 0.91
N GLU A 320 -4.86 37.41 1.97
CA GLU A 320 -5.82 36.68 2.79
C GLU A 320 -6.33 37.55 3.92
N PRO A 321 -7.65 37.81 4.01
CA PRO A 321 -8.15 38.71 5.05
C PRO A 321 -8.43 38.01 6.37
N PHE A 322 -7.54 37.08 6.75
CA PHE A 322 -7.60 36.40 8.04
C PHE A 322 -6.21 35.83 8.29
N ASP A 323 -6.08 35.13 9.43
CA ASP A 323 -4.90 34.32 9.69
C ASP A 323 -5.33 32.88 9.81
N ARG A 324 -4.62 32.00 9.10
CA ARG A 324 -4.96 30.59 9.09
C ARG A 324 -4.78 29.94 10.46
N GLU A 325 -3.84 30.44 11.26
CA GLU A 325 -3.55 29.84 12.55
C GLU A 325 -3.23 28.36 12.38
N LEU A 326 -4.10 27.49 12.89
CA LEU A 326 -3.84 26.06 12.84
C LEU A 326 -4.17 25.46 11.47
N PHE A 327 -4.99 26.13 10.68
CA PHE A 327 -5.33 25.64 9.36
C PHE A 327 -4.11 25.64 8.45
N GLY A 328 -4.02 24.63 7.58
CA GLY A 328 -2.85 24.49 6.75
C GLY A 328 -1.59 24.10 7.49
N GLY A 329 -1.68 23.83 8.78
CA GLY A 329 -0.57 23.30 9.54
C GLY A 329 -0.51 21.80 9.48
N ILE A 330 0.02 21.19 10.54
CA ILE A 330 0.09 19.74 10.61
C ILE A 330 -0.42 19.28 11.97
N VAL A 331 -0.97 18.07 11.98
CA VAL A 331 -1.54 17.48 13.18
C VAL A 331 -1.06 16.04 13.25
N GLY A 332 -0.73 15.59 14.44
CA GLY A 332 -0.26 14.23 14.60
C GLY A 332 0.41 13.97 15.93
N TRP A 333 1.50 13.21 15.92
CA TRP A 333 2.06 12.75 17.16
C TRP A 333 3.51 12.35 16.96
N CYS A 334 4.30 12.51 18.01
CA CYS A 334 5.69 12.07 18.07
C CYS A 334 5.93 11.46 19.44
N ASP A 335 6.65 10.34 19.49
CA ASP A 335 6.88 9.65 20.75
C ASP A 335 8.32 9.81 21.18
N SER A 336 8.64 9.21 22.33
CA SER A 336 9.95 9.34 22.95
C SER A 336 11.06 8.79 22.07
N GLU A 337 10.73 7.86 21.17
CA GLU A 337 11.74 7.08 20.45
C GLU A 337 11.89 7.52 19.01
N GLY A 338 11.23 8.60 18.59
CA GLY A 338 11.37 9.14 17.27
C GLY A 338 10.28 8.78 16.30
N ASN A 339 9.48 7.76 16.60
CA ASN A 339 8.38 7.41 15.72
C ASN A 339 7.33 8.52 15.72
N GLY A 340 6.50 8.54 14.69
CA GLY A 340 5.44 9.53 14.61
C GLY A 340 4.77 9.53 13.27
N GLU A 341 3.73 10.34 13.20
CA GLU A 341 3.00 10.58 11.96
C GLU A 341 2.46 11.99 12.01
N TRP A 342 2.50 12.67 10.86
CA TRP A 342 2.00 14.04 10.77
C TRP A 342 1.30 14.22 9.44
N VAL A 343 0.09 14.74 9.50
CA VAL A 343 -0.78 14.91 8.34
C VAL A 343 -1.14 16.38 8.24
N VAL A 344 -1.49 16.81 7.03
CA VAL A 344 -1.82 18.21 6.81
C VAL A 344 -3.16 18.54 7.44
N THR A 345 -3.22 19.70 8.09
CA THR A 345 -4.43 20.15 8.77
C THR A 345 -5.37 20.78 7.74
N ILE A 346 -6.13 19.91 7.05
CA ILE A 346 -7.10 20.32 6.06
C ILE A 346 -8.30 19.37 6.15
N ARG A 347 -9.33 19.67 5.37
CA ARG A 347 -10.63 19.01 5.51
C ARG A 347 -11.03 19.00 6.98
N CYS A 348 -10.92 20.17 7.60
CA CYS A 348 -10.91 20.29 9.05
C CYS A 348 -11.71 21.51 9.47
N ALA A 349 -11.95 21.59 10.77
CA ALA A 349 -12.75 22.66 11.34
C ALA A 349 -12.30 22.93 12.77
N LYS A 350 -12.36 24.20 13.17
CA LYS A 350 -12.15 24.57 14.57
C LYS A 350 -13.50 24.92 15.17
N LEU A 351 -13.95 24.12 16.13
CA LEU A 351 -15.15 24.42 16.88
C LEU A 351 -14.78 24.85 18.29
N ARG A 352 -15.63 25.71 18.87
CA ARG A 352 -15.38 26.19 20.22
C ARG A 352 -16.72 26.66 20.79
N GLU A 353 -17.24 25.92 21.76
CA GLU A 353 -18.52 26.26 22.37
C GLU A 353 -19.59 26.28 21.28
N ASN A 354 -20.01 27.45 20.81
CA ASN A 354 -21.11 27.56 19.86
C ASN A 354 -20.65 28.12 18.51
N GLN A 355 -19.37 28.04 18.20
CA GLN A 355 -18.83 28.66 17.00
C GLN A 355 -18.00 27.65 16.22
N VAL A 356 -18.04 27.79 14.89
CA VAL A 356 -17.34 26.89 13.99
C VAL A 356 -16.66 27.70 12.90
N ARG A 357 -15.50 27.22 12.47
CA ARG A 357 -14.74 27.85 11.40
C ARG A 357 -14.13 26.75 10.55
N LEU A 358 -14.58 26.62 9.30
CA LEU A 358 -14.05 25.66 8.35
C LEU A 358 -12.98 26.32 7.48
N PHE A 359 -12.23 25.49 6.77
CA PHE A 359 -11.08 25.98 6.02
C PHE A 359 -10.89 25.15 4.75
N ALA A 360 -10.62 25.83 3.65
CA ALA A 360 -10.20 25.19 2.41
C ALA A 360 -9.29 26.13 1.63
N GLY A 361 -8.16 25.59 1.18
CA GLY A 361 -7.23 26.31 0.34
C GLY A 361 -7.08 25.64 -1.01
N ALA A 362 -6.40 26.33 -1.92
CA ALA A 362 -6.19 25.79 -3.25
C ALA A 362 -4.93 26.42 -3.83
N GLY A 363 -4.14 25.60 -4.52
CA GLY A 363 -2.92 26.08 -5.14
C GLY A 363 -3.18 26.76 -6.47
N ILE A 364 -2.75 28.02 -6.59
CA ILE A 364 -2.97 28.81 -7.80
C ILE A 364 -1.75 28.67 -8.70
N VAL A 365 -2.00 28.55 -9.99
CA VAL A 365 -0.95 28.57 -11.01
C VAL A 365 -1.48 29.36 -12.20
N PRO A 366 -0.64 29.73 -13.17
CA PRO A 366 -1.12 30.59 -14.26
C PRO A 366 -2.30 30.01 -15.03
N ALA A 367 -2.55 28.70 -14.95
CA ALA A 367 -3.73 28.11 -15.58
C ALA A 367 -4.93 28.08 -14.64
N SER A 368 -4.82 28.67 -13.46
CA SER A 368 -5.92 28.65 -12.50
C SER A 368 -7.05 29.53 -12.98
N SER A 369 -8.24 29.02 -12.86
CA SER A 369 -9.47 29.77 -13.17
C SER A 369 -10.01 30.39 -11.90
N PRO A 370 -10.23 31.71 -11.85
CA PRO A 370 -10.81 32.30 -10.63
C PRO A 370 -12.04 31.55 -10.13
N LEU A 371 -12.99 31.25 -11.02
CA LEU A 371 -14.16 30.48 -10.58
C LEU A 371 -13.82 29.00 -10.43
N GLY A 372 -12.86 28.50 -11.20
CA GLY A 372 -12.43 27.13 -11.02
C GLY A 372 -11.95 26.87 -9.60
N GLU A 373 -11.16 27.78 -9.04
CA GLU A 373 -10.64 27.59 -7.70
C GLU A 373 -11.71 27.81 -6.65
N TRP A 374 -12.57 28.81 -6.85
CA TRP A 374 -13.67 29.02 -5.92
C TRP A 374 -14.48 27.75 -5.74
N ARG A 375 -14.83 27.08 -6.85
CA ARG A 375 -15.56 25.83 -6.74
C ARG A 375 -14.72 24.70 -6.18
N GLU A 376 -13.40 24.75 -6.37
CA GLU A 376 -12.54 23.69 -5.86
C GLU A 376 -12.41 23.78 -4.34
N THR A 377 -12.08 24.97 -3.84
CA THR A 377 -12.16 25.19 -2.39
C THR A 377 -13.56 24.89 -1.87
N GLY A 378 -14.58 25.04 -2.71
CA GLY A 378 -15.94 24.74 -2.28
C GLY A 378 -16.16 23.26 -2.05
N VAL A 379 -15.73 22.42 -3.00
CA VAL A 379 -15.86 20.98 -2.83
C VAL A 379 -15.10 20.51 -1.59
N LYS A 380 -13.99 21.17 -1.27
CA LYS A 380 -13.21 20.76 -0.11
C LYS A 380 -13.94 21.07 1.19
N LEU A 381 -14.60 22.23 1.25
CA LEU A 381 -15.43 22.54 2.41
C LEU A 381 -16.61 21.59 2.55
N SER A 382 -17.04 20.98 1.45
CA SER A 382 -18.21 20.10 1.52
C SER A 382 -17.98 18.91 2.43
N THR A 383 -16.72 18.55 2.69
CA THR A 383 -16.42 17.41 3.55
C THR A 383 -16.77 17.71 4.99
N MET A 384 -16.30 18.85 5.51
CA MET A 384 -16.70 19.24 6.86
C MET A 384 -18.16 19.64 6.91
N LEU A 385 -18.68 20.25 5.84
CA LEU A 385 -20.10 20.59 5.80
C LEU A 385 -20.96 19.32 5.84
N ASN A 386 -20.54 18.27 5.14
CA ASN A 386 -21.24 17.00 5.24
C ASN A 386 -21.27 16.50 6.68
N VAL A 387 -20.28 16.86 7.48
CA VAL A 387 -20.22 16.41 8.87
C VAL A 387 -21.24 17.16 9.73
N PHE A 388 -21.38 18.46 9.52
CA PHE A 388 -22.37 19.26 10.20
C PHE A 388 -23.75 19.20 9.56
N GLY A 389 -23.98 18.29 8.62
CA GLY A 389 -25.26 18.21 7.96
C GLY A 389 -25.69 19.49 7.29
N LEU A 390 -24.76 20.17 6.61
CA LEU A 390 -25.07 21.42 5.94
C LEU A 390 -24.72 21.32 4.46
N LEU B 16 15.84 -0.80 -4.42
CA LEU B 16 14.64 -0.74 -5.27
C LEU B 16 13.46 -0.14 -4.53
N ALA B 17 12.77 0.78 -5.21
CA ALA B 17 11.63 1.45 -4.60
C ALA B 17 10.52 0.44 -4.32
N PRO B 18 9.77 0.61 -3.22
CA PRO B 18 8.68 -0.32 -2.94
C PRO B 18 7.53 -0.21 -3.94
N ASN B 19 7.47 0.86 -4.73
CA ASN B 19 6.36 1.05 -5.66
C ASN B 19 6.66 0.55 -7.07
N ARG B 20 7.88 0.05 -7.31
CA ARG B 20 8.23 -0.50 -8.62
C ARG B 20 7.91 -1.99 -8.67
N PHE B 21 7.49 -2.45 -9.84
CA PHE B 21 7.32 -3.87 -10.11
C PHE B 21 8.65 -4.45 -10.57
N PHE B 22 8.92 -5.69 -10.19
CA PHE B 22 10.19 -6.34 -10.49
C PHE B 22 9.95 -7.81 -10.77
N PHE B 23 10.56 -8.31 -11.84
CA PHE B 23 10.38 -9.70 -12.23
C PHE B 23 11.69 -10.19 -12.82
N MET B 24 12.06 -11.43 -12.47
CA MET B 24 13.37 -11.98 -12.80
C MET B 24 13.16 -13.40 -13.29
N SER B 25 13.51 -13.65 -14.55
CA SER B 25 13.15 -14.89 -15.21
C SER B 25 14.19 -15.23 -16.26
N PRO B 26 14.40 -16.50 -16.58
CA PRO B 26 15.28 -16.82 -17.72
C PRO B 26 14.72 -16.29 -19.03
N TYR B 27 13.40 -16.22 -19.14
CA TYR B 27 12.72 -15.69 -20.31
C TYR B 27 12.96 -14.19 -20.43
N ARG B 28 12.13 -13.38 -19.79
CA ARG B 28 12.30 -11.93 -19.81
C ARG B 28 12.24 -11.39 -18.39
N SER B 29 13.26 -10.61 -18.02
CA SER B 29 13.38 -10.00 -16.70
C SER B 29 13.37 -8.48 -16.87
N PHE B 30 12.72 -7.79 -15.93
CA PHE B 30 12.55 -6.36 -16.10
C PHE B 30 11.97 -5.75 -14.83
N THR B 31 11.90 -4.42 -14.82
CA THR B 31 11.28 -3.63 -13.78
C THR B 31 10.24 -2.72 -14.41
N THR B 32 9.56 -1.92 -13.58
CA THR B 32 8.64 -0.90 -14.07
C THR B 32 8.79 0.36 -13.24
N SER B 33 8.46 1.49 -13.86
CA SER B 33 8.29 2.74 -13.14
C SER B 33 7.01 3.38 -13.64
N GLY B 34 6.11 3.70 -12.72
CA GLY B 34 4.90 4.42 -13.04
C GLY B 34 3.70 3.50 -13.20
N CYS B 35 2.51 4.09 -13.08
CA CYS B 35 1.25 3.38 -13.21
C CYS B 35 0.34 4.16 -14.15
N PHE B 36 -0.22 3.46 -15.15
CA PHE B 36 -1.13 4.05 -16.11
C PHE B 36 -2.58 3.69 -15.86
N ALA B 37 -2.85 2.48 -15.38
CA ALA B 37 -4.23 2.03 -15.20
C ALA B 37 -4.23 0.86 -14.24
N ARG B 38 -4.97 0.98 -13.14
CA ARG B 38 -5.19 -0.16 -12.26
C ARG B 38 -6.24 -1.08 -12.89
N PHE B 39 -6.24 -2.34 -12.46
CA PHE B 39 -7.04 -3.36 -13.12
C PHE B 39 -7.53 -4.34 -12.04
N ASP B 40 -8.69 -4.03 -11.47
CA ASP B 40 -9.24 -4.79 -10.35
C ASP B 40 -10.04 -6.01 -10.80
N GLU B 41 -10.35 -6.14 -12.08
CA GLU B 41 -11.37 -7.08 -12.51
C GLU B 41 -10.97 -8.51 -12.17
N PRO B 42 -11.85 -9.31 -11.57
CA PRO B 42 -11.51 -10.72 -11.29
C PRO B 42 -11.09 -11.46 -12.55
N ALA B 43 -10.27 -12.50 -12.36
CA ALA B 43 -9.71 -13.28 -13.46
C ALA B 43 -10.51 -14.53 -13.76
N VAL B 44 -11.63 -14.78 -13.07
CA VAL B 44 -12.40 -15.98 -13.32
C VAL B 44 -13.02 -15.91 -14.72
N ASN B 45 -13.16 -17.07 -15.34
CA ASN B 45 -13.67 -17.21 -16.69
C ASN B 45 -12.76 -16.54 -17.72
N GLY B 46 -11.56 -16.11 -17.31
CA GLY B 46 -10.61 -15.45 -18.17
C GLY B 46 -9.85 -16.35 -19.11
N ASP B 47 -10.20 -17.63 -19.18
CA ASP B 47 -9.68 -18.51 -20.22
C ASP B 47 -10.50 -18.42 -21.50
N SER B 48 -11.80 -18.15 -21.38
CA SER B 48 -12.68 -17.98 -22.53
C SER B 48 -12.51 -16.56 -23.06
N PRO B 49 -12.00 -16.38 -24.29
CA PRO B 49 -11.64 -15.02 -24.73
C PRO B 49 -12.81 -14.04 -24.85
N ASP B 50 -14.05 -14.50 -24.62
CA ASP B 50 -15.21 -13.63 -24.67
C ASP B 50 -15.69 -13.23 -23.27
N SER B 51 -14.84 -13.38 -22.27
CA SER B 51 -15.18 -13.05 -20.89
C SER B 51 -14.85 -11.60 -20.59
N PRO B 52 -15.46 -11.01 -19.56
CA PRO B 52 -15.19 -9.60 -19.28
C PRO B 52 -13.75 -9.34 -18.88
N PHE B 53 -13.09 -10.30 -18.24
CA PHE B 53 -11.67 -10.16 -17.93
C PHE B 53 -10.86 -9.99 -19.21
N GLN B 54 -11.15 -10.79 -20.23
CA GLN B 54 -10.37 -10.76 -21.47
C GLN B 54 -10.73 -9.56 -22.34
N GLN B 55 -11.94 -9.02 -22.21
CA GLN B 55 -12.32 -7.87 -23.01
C GLN B 55 -11.67 -6.60 -22.47
N LYS B 56 -11.80 -6.34 -21.17
CA LYS B 56 -11.21 -5.14 -20.59
C LYS B 56 -9.70 -5.10 -20.83
N LEU B 57 -9.03 -6.26 -20.75
CA LEU B 57 -7.59 -6.29 -20.94
C LEU B 57 -7.21 -5.85 -22.35
N ALA B 58 -7.94 -6.33 -23.36
CA ALA B 58 -7.73 -5.84 -24.72
C ALA B 58 -8.09 -4.35 -24.81
N ALA B 59 -9.19 -3.94 -24.20
CA ALA B 59 -9.54 -2.54 -24.16
C ALA B 59 -8.46 -1.72 -23.49
N LEU B 60 -8.19 -2.01 -22.21
CA LEU B 60 -7.18 -1.26 -21.48
C LEU B 60 -5.87 -1.17 -22.25
N PHE B 61 -5.49 -2.27 -22.92
CA PHE B 61 -4.31 -2.23 -23.77
C PHE B 61 -4.49 -1.28 -24.94
N ALA B 62 -5.71 -1.11 -25.43
CA ALA B 62 -5.94 -0.19 -26.53
C ALA B 62 -5.79 1.26 -26.07
N ASP B 63 -6.44 1.62 -24.97
CA ASP B 63 -6.33 3.00 -24.49
C ASP B 63 -4.90 3.33 -24.09
N ALA B 64 -4.14 2.32 -23.64
CA ALA B 64 -2.73 2.55 -23.33
C ALA B 64 -1.91 2.69 -24.61
N LYS B 65 -2.18 1.85 -25.62
CA LYS B 65 -1.60 2.06 -26.93
C LYS B 65 -2.04 3.40 -27.51
N ALA B 66 -3.29 3.78 -27.27
CA ALA B 66 -3.81 5.04 -27.80
C ALA B 66 -3.05 6.23 -27.24
N GLN B 67 -2.77 6.23 -25.93
CA GLN B 67 -2.10 7.33 -25.27
C GLN B 67 -0.58 7.24 -25.33
N GLY B 68 -0.05 6.48 -26.29
CA GLY B 68 1.38 6.49 -26.56
C GLY B 68 2.19 5.42 -25.88
N ILE B 69 1.59 4.60 -25.01
CA ILE B 69 2.34 3.53 -24.37
C ILE B 69 2.74 2.52 -25.44
N LYS B 70 4.04 2.28 -25.58
CA LYS B 70 4.57 1.41 -26.61
C LYS B 70 4.88 0.04 -26.00
N ASN B 71 4.40 -1.01 -26.65
CA ASN B 71 4.47 -2.37 -26.11
C ASN B 71 3.98 -2.38 -24.65
N PRO B 72 2.77 -1.90 -24.39
CA PRO B 72 2.28 -1.86 -23.00
C PRO B 72 2.24 -3.26 -22.41
N VAL B 73 2.10 -3.30 -21.10
CA VAL B 73 2.25 -4.55 -20.35
C VAL B 73 1.32 -4.50 -19.15
N MET B 74 0.69 -5.62 -18.85
CA MET B 74 -0.12 -5.78 -17.64
C MET B 74 0.67 -6.59 -16.63
N VAL B 75 0.85 -6.04 -15.43
CA VAL B 75 1.67 -6.68 -14.40
C VAL B 75 0.88 -6.78 -13.11
N GLY B 76 1.24 -7.78 -12.30
CA GLY B 76 0.72 -7.86 -10.95
C GLY B 76 0.45 -9.27 -10.47
N ALA B 77 -0.56 -9.42 -9.64
CA ALA B 77 -0.91 -10.68 -9.03
C ALA B 77 -2.39 -10.97 -9.22
N ILE B 78 -2.71 -12.25 -9.35
CA ILE B 78 -4.09 -12.71 -9.30
C ILE B 78 -4.18 -13.65 -8.10
N PRO B 79 -5.27 -13.62 -7.33
CA PRO B 79 -5.31 -14.40 -6.08
C PRO B 79 -5.69 -15.85 -6.31
N PHE B 80 -5.51 -16.64 -5.24
CA PHE B 80 -5.84 -18.07 -5.27
C PHE B 80 -7.24 -18.29 -5.82
N ASP B 81 -8.22 -17.57 -5.26
CA ASP B 81 -9.59 -17.61 -5.78
C ASP B 81 -9.74 -16.51 -6.81
N PRO B 82 -9.83 -16.81 -8.11
CA PRO B 82 -9.90 -15.74 -9.10
C PRO B 82 -11.23 -15.02 -9.13
N ARG B 83 -12.24 -15.49 -8.39
CA ARG B 83 -13.46 -14.70 -8.22
C ARG B 83 -13.16 -13.41 -7.47
N GLN B 84 -12.13 -13.41 -6.62
CA GLN B 84 -11.73 -12.22 -5.90
C GLN B 84 -11.15 -11.19 -6.87
N PRO B 85 -10.92 -9.97 -6.39
CA PRO B 85 -10.33 -8.94 -7.26
C PRO B 85 -8.87 -9.20 -7.56
N SER B 86 -8.42 -8.68 -8.70
CA SER B 86 -7.05 -8.81 -9.14
C SER B 86 -6.23 -7.58 -8.76
N SER B 87 -4.95 -7.82 -8.46
CA SER B 87 -3.99 -6.73 -8.28
C SER B 87 -3.15 -6.66 -9.55
N LEU B 88 -3.73 -6.10 -10.59
CA LEU B 88 -3.08 -5.97 -11.89
C LEU B 88 -3.09 -4.51 -12.29
N TYR B 89 -2.10 -4.13 -13.11
CA TYR B 89 -2.03 -2.74 -13.58
C TYR B 89 -1.03 -2.64 -14.72
N ILE B 90 -1.18 -1.58 -15.50
CA ILE B 90 -0.30 -1.28 -16.63
C ILE B 90 0.64 -0.15 -16.20
N PRO B 91 1.95 -0.36 -16.19
CA PRO B 91 2.87 0.73 -15.83
C PRO B 91 3.12 1.67 -17.01
N GLU B 92 3.57 2.88 -16.65
CA GLU B 92 4.05 3.83 -17.65
C GLU B 92 5.02 3.18 -18.62
N SER B 93 6.06 2.56 -18.08
CA SER B 93 7.11 1.96 -18.88
C SER B 93 7.70 0.79 -18.10
N TRP B 94 8.58 0.05 -18.78
CA TRP B 94 9.34 -1.02 -18.16
C TRP B 94 10.79 -0.88 -18.58
N GLN B 95 11.67 -1.56 -17.85
CA GLN B 95 13.11 -1.45 -18.08
C GLN B 95 13.69 -2.85 -17.97
N SER B 96 14.19 -3.37 -19.08
CA SER B 96 14.84 -4.68 -19.06
C SER B 96 16.09 -4.63 -18.19
N PHE B 97 16.53 -5.82 -17.80
CA PHE B 97 17.83 -5.96 -17.14
C PHE B 97 18.29 -7.39 -17.31
N SER B 98 19.58 -7.60 -17.12
CA SER B 98 20.20 -8.89 -17.40
C SER B 98 20.21 -9.75 -16.13
N ARG B 99 19.47 -10.86 -16.19
CA ARG B 99 19.40 -11.78 -15.07
C ARG B 99 20.80 -12.21 -14.62
N GLN B 100 21.66 -12.55 -15.59
CA GLN B 100 23.04 -12.90 -15.26
C GLN B 100 23.76 -11.74 -14.58
N GLU B 101 23.59 -10.53 -15.11
CA GLU B 101 24.18 -9.36 -14.46
C GLU B 101 23.80 -9.30 -12.99
N LYS B 102 22.56 -9.68 -12.67
CA LYS B 102 22.05 -9.50 -11.31
C LYS B 102 22.41 -10.67 -10.40
N GLN B 103 22.44 -11.90 -10.92
CA GLN B 103 22.92 -13.03 -10.13
C GLN B 103 24.32 -12.77 -9.59
N ALA B 104 25.23 -12.33 -10.47
CA ALA B 104 26.60 -12.07 -10.08
C ALA B 104 26.68 -11.10 -8.90
N SER B 105 25.78 -10.12 -8.86
CA SER B 105 25.83 -9.10 -7.82
C SER B 105 25.57 -9.70 -6.44
N GLN B 113 19.51 -5.39 6.96
CA GLN B 113 18.80 -4.41 7.77
C GLN B 113 18.71 -4.88 9.22
N SER B 114 19.24 -4.07 10.14
CA SER B 114 19.19 -4.41 11.56
C SER B 114 17.83 -4.05 12.11
N LEU B 115 17.24 -4.96 12.89
CA LEU B 115 15.80 -5.00 13.06
C LEU B 115 15.47 -5.91 14.23
N ASN B 116 14.40 -5.58 14.95
CA ASN B 116 13.95 -6.36 16.09
C ASN B 116 12.58 -6.96 15.79
N VAL B 117 12.46 -8.26 16.02
CA VAL B 117 11.20 -8.97 15.80
C VAL B 117 10.38 -8.88 17.07
N VAL B 118 9.27 -8.15 17.02
CA VAL B 118 8.46 -7.96 18.22
C VAL B 118 7.49 -9.12 18.42
N GLU B 119 6.95 -9.65 17.32
CA GLU B 119 5.94 -10.69 17.40
C GLU B 119 6.24 -11.76 16.38
N ARG B 120 5.99 -13.02 16.74
CA ARG B 120 6.10 -14.15 15.82
C ARG B 120 4.98 -15.13 16.17
N GLN B 121 4.01 -15.24 15.28
CA GLN B 121 2.77 -15.97 15.56
C GLN B 121 2.50 -16.92 14.40
N ALA B 122 2.73 -18.21 14.62
CA ALA B 122 2.30 -19.23 13.66
C ALA B 122 0.77 -19.26 13.62
N ILE B 123 0.20 -19.04 12.43
CA ILE B 123 -1.24 -19.07 12.27
C ILE B 123 -1.63 -20.10 11.21
N PRO B 124 -2.17 -21.25 11.63
CA PRO B 124 -2.37 -21.72 13.00
C PRO B 124 -1.09 -22.31 13.60
N GLU B 125 -1.13 -22.62 14.89
CA GLU B 125 0.02 -23.20 15.57
C GLU B 125 -0.01 -24.72 15.42
N GLN B 126 1.09 -25.36 15.84
CA GLN B 126 1.37 -26.73 15.42
C GLN B 126 0.17 -27.65 15.60
N THR B 127 -0.46 -27.63 16.77
CA THR B 127 -1.53 -28.60 17.04
C THR B 127 -2.67 -28.46 16.05
N THR B 128 -3.21 -27.25 15.91
CA THR B 128 -4.38 -27.04 15.06
C THR B 128 -4.10 -27.41 13.62
N PHE B 129 -2.89 -27.15 13.13
CA PHE B 129 -2.56 -27.53 11.76
C PHE B 129 -2.51 -29.05 11.61
N GLU B 130 -1.86 -29.73 12.55
CA GLU B 130 -1.82 -31.19 12.50
C GLU B 130 -3.22 -31.78 12.48
N GLN B 131 -4.14 -31.24 13.27
CA GLN B 131 -5.52 -31.70 13.25
C GLN B 131 -6.20 -31.41 11.92
N MET B 132 -5.73 -30.38 11.21
CA MET B 132 -6.26 -30.10 9.87
C MET B 132 -5.78 -31.13 8.86
N VAL B 133 -4.50 -31.48 8.90
CA VAL B 133 -3.98 -32.48 7.97
C VAL B 133 -4.72 -33.80 8.14
N ALA B 134 -5.12 -34.13 9.36
CA ALA B 134 -5.76 -35.43 9.60
C ALA B 134 -7.17 -35.48 9.02
N ARG B 135 -7.95 -34.42 9.22
CA ARG B 135 -9.29 -34.37 8.64
C ARG B 135 -9.23 -34.34 7.13
N ALA B 136 -8.25 -33.63 6.57
CA ALA B 136 -8.08 -33.62 5.12
C ALA B 136 -7.65 -35.00 4.61
N ALA B 137 -6.62 -35.58 5.23
CA ALA B 137 -6.15 -36.90 4.83
C ALA B 137 -7.30 -37.90 4.84
N ALA B 138 -8.15 -37.86 5.85
CA ALA B 138 -9.28 -38.78 5.92
C ALA B 138 -10.23 -38.55 4.74
N LEU B 139 -10.50 -37.29 4.41
CA LEU B 139 -11.38 -36.99 3.29
C LEU B 139 -10.76 -37.41 1.96
N THR B 140 -9.44 -37.25 1.82
CA THR B 140 -8.79 -37.67 0.58
C THR B 140 -8.81 -39.18 0.41
N ALA B 141 -9.10 -39.94 1.47
CA ALA B 141 -9.24 -41.40 1.39
C ALA B 141 -10.64 -41.82 0.98
N THR B 142 -11.35 -40.98 0.24
CA THR B 142 -12.74 -41.27 -0.14
C THR B 142 -12.97 -40.83 -1.59
N PRO B 143 -14.12 -41.18 -2.18
CA PRO B 143 -14.39 -40.74 -3.56
C PRO B 143 -14.43 -39.23 -3.75
N GLN B 144 -15.13 -38.50 -2.88
CA GLN B 144 -15.46 -37.11 -3.18
C GLN B 144 -14.22 -36.27 -3.46
N VAL B 145 -13.12 -36.49 -2.71
CA VAL B 145 -11.89 -35.76 -2.96
C VAL B 145 -10.71 -36.72 -2.94
N ASP B 146 -9.64 -36.32 -3.63
CA ASP B 146 -8.46 -37.17 -3.81
C ASP B 146 -7.19 -36.47 -3.34
N LYS B 147 -7.16 -35.14 -3.41
CA LYS B 147 -6.02 -34.37 -2.93
C LYS B 147 -6.53 -33.01 -2.46
N VAL B 148 -5.97 -32.54 -1.35
CA VAL B 148 -6.27 -31.22 -0.81
C VAL B 148 -4.95 -30.54 -0.46
N VAL B 149 -4.89 -29.23 -0.69
CA VAL B 149 -3.72 -28.42 -0.34
C VAL B 149 -4.12 -27.48 0.78
N LEU B 150 -3.52 -27.66 1.95
CA LEU B 150 -3.73 -26.79 3.10
C LEU B 150 -2.55 -25.84 3.26
N SER B 151 -2.84 -24.65 3.80
CA SER B 151 -1.88 -23.58 3.92
C SER B 151 -1.71 -23.18 5.38
N ARG B 152 -0.57 -22.54 5.66
CA ARG B 152 -0.36 -21.96 6.98
C ARG B 152 0.53 -20.74 6.82
N LEU B 153 0.59 -19.94 7.88
CA LEU B 153 1.20 -18.62 7.85
C LEU B 153 2.15 -18.43 9.02
N ILE B 154 3.06 -17.47 8.86
CA ILE B 154 3.78 -16.87 9.97
C ILE B 154 3.60 -15.36 9.87
N ASP B 155 3.12 -14.76 10.96
CA ASP B 155 2.99 -13.31 11.07
C ASP B 155 4.14 -12.78 11.91
N ILE B 156 5.04 -12.04 11.28
CA ILE B 156 6.15 -11.38 11.96
C ILE B 156 5.84 -9.90 12.03
N THR B 157 5.79 -9.35 13.24
CA THR B 157 5.71 -7.92 13.45
C THR B 157 7.07 -7.43 13.94
N THR B 158 7.46 -6.24 13.50
CA THR B 158 8.81 -5.76 13.71
C THR B 158 8.75 -4.30 14.16
N ASP B 159 9.89 -3.79 14.63
CA ASP B 159 9.94 -2.48 15.27
C ASP B 159 10.52 -1.39 14.36
N ALA B 160 10.70 -1.66 13.07
CA ALA B 160 10.99 -0.63 12.09
C ALA B 160 10.29 -0.98 10.78
N ALA B 161 10.05 0.03 9.97
CA ALA B 161 9.44 -0.23 8.67
C ALA B 161 10.42 -1.03 7.82
N ILE B 162 9.90 -2.01 7.10
CA ILE B 162 10.71 -2.99 6.39
C ILE B 162 10.98 -2.48 4.99
N ASP B 163 12.26 -2.50 4.60
CA ASP B 163 12.69 -2.07 3.27
C ASP B 163 12.53 -3.25 2.32
N SER B 164 11.46 -3.24 1.52
CA SER B 164 11.29 -4.26 0.50
C SER B 164 12.49 -4.32 -0.43
N GLY B 165 13.16 -3.18 -0.63
CA GLY B 165 14.34 -3.17 -1.49
C GLY B 165 15.46 -4.05 -0.96
N VAL B 166 15.73 -3.96 0.35
CA VAL B 166 16.82 -4.74 0.93
C VAL B 166 16.47 -6.22 0.95
N LEU B 167 15.21 -6.55 1.27
CA LEU B 167 14.78 -7.94 1.20
C LEU B 167 14.95 -8.48 -0.21
N LEU B 168 14.59 -7.69 -1.23
CA LEU B 168 14.70 -8.19 -2.60
C LEU B 168 16.14 -8.57 -2.92
N GLU B 169 17.11 -7.76 -2.48
CA GLU B 169 18.51 -8.10 -2.73
C GLU B 169 18.88 -9.40 -2.04
N ARG B 170 18.49 -9.55 -0.76
CA ARG B 170 18.76 -10.80 -0.05
C ARG B 170 17.99 -11.97 -0.68
N LEU B 171 16.74 -11.73 -1.06
CA LEU B 171 15.95 -12.77 -1.72
C LEU B 171 16.67 -13.27 -2.97
N ILE B 172 17.21 -12.34 -3.78
CA ILE B 172 17.90 -12.73 -5.01
C ILE B 172 19.20 -13.45 -4.69
N ALA B 173 19.98 -12.92 -3.73
CA ALA B 173 21.24 -13.54 -3.38
C ALA B 173 21.04 -14.99 -2.94
N GLN B 174 19.98 -15.25 -2.17
CA GLN B 174 19.73 -16.58 -1.64
C GLN B 174 18.97 -17.48 -2.61
N ASN B 175 18.41 -16.94 -3.69
CA ASN B 175 17.66 -17.74 -4.68
C ASN B 175 17.92 -17.17 -6.07
N PRO B 176 19.14 -17.33 -6.59
CA PRO B 176 19.45 -16.74 -7.90
C PRO B 176 18.68 -17.36 -9.06
N VAL B 177 18.43 -18.67 -9.03
CA VAL B 177 17.85 -19.33 -10.21
C VAL B 177 16.33 -19.16 -10.31
N SER B 178 15.65 -18.87 -9.21
CA SER B 178 14.20 -18.96 -9.20
C SER B 178 13.56 -17.70 -9.79
N TYR B 179 12.25 -17.79 -10.02
CA TYR B 179 11.46 -16.65 -10.45
C TYR B 179 11.20 -15.75 -9.24
N ASN B 180 11.89 -14.62 -9.18
CA ASN B 180 11.76 -13.69 -8.07
C ASN B 180 10.93 -12.49 -8.48
N PHE B 181 10.04 -12.05 -7.59
CA PHE B 181 9.07 -11.02 -7.91
C PHE B 181 8.91 -10.08 -6.72
N HIS B 182 8.65 -8.81 -7.04
CA HIS B 182 8.44 -7.76 -6.05
C HIS B 182 7.29 -6.91 -6.60
N VAL B 183 6.09 -7.16 -6.11
CA VAL B 183 4.86 -6.60 -6.68
C VAL B 183 4.32 -5.53 -5.72
N PRO B 184 4.24 -4.27 -6.13
CA PRO B 184 3.52 -3.28 -5.32
C PRO B 184 2.03 -3.57 -5.35
N LEU B 185 1.37 -3.32 -4.22
CA LEU B 185 -0.05 -3.60 -4.05
C LEU B 185 -0.79 -2.31 -3.73
N ALA B 186 -2.03 -2.23 -4.20
CA ALA B 186 -2.81 -0.99 -4.06
C ALA B 186 -3.06 -0.61 -2.62
N ASP B 187 -2.86 -1.52 -1.67
CA ASP B 187 -3.01 -1.23 -0.26
C ASP B 187 -1.76 -0.63 0.36
N GLY B 188 -0.78 -0.24 -0.46
CA GLY B 188 0.49 0.25 0.02
C GLY B 188 1.51 -0.82 0.34
N GLY B 189 1.09 -2.10 0.35
CA GLY B 189 1.99 -3.19 0.65
C GLY B 189 2.73 -3.71 -0.57
N VAL B 190 3.57 -4.71 -0.33
CA VAL B 190 4.36 -5.34 -1.36
C VAL B 190 4.18 -6.85 -1.27
N LEU B 191 4.18 -7.52 -2.41
CA LEU B 191 4.20 -8.97 -2.47
C LEU B 191 5.54 -9.43 -3.01
N LEU B 192 6.18 -10.35 -2.28
CA LEU B 192 7.60 -10.64 -2.46
C LEU B 192 7.81 -12.14 -2.37
N GLY B 193 8.60 -12.71 -3.27
CA GLY B 193 8.79 -14.14 -3.24
C GLY B 193 9.85 -14.62 -4.22
N ALA B 194 10.22 -15.89 -4.05
CA ALA B 194 11.17 -16.59 -4.91
C ALA B 194 10.50 -17.89 -5.34
N SER B 195 9.60 -17.80 -6.33
CA SER B 195 8.83 -18.97 -6.71
C SER B 195 9.66 -19.91 -7.57
N PRO B 196 9.59 -21.22 -7.33
CA PRO B 196 10.19 -22.19 -8.26
C PRO B 196 9.21 -22.86 -9.21
N GLU B 197 7.95 -22.41 -9.25
CA GLU B 197 6.89 -23.08 -10.01
C GLU B 197 6.38 -22.13 -11.09
N LEU B 198 6.89 -22.31 -12.31
CA LEU B 198 6.34 -21.62 -13.47
C LEU B 198 4.97 -22.21 -13.81
N LEU B 199 3.94 -21.37 -13.82
CA LEU B 199 2.61 -21.85 -14.20
C LEU B 199 2.40 -21.78 -15.71
N LEU B 200 2.67 -20.64 -16.33
CA LEU B 200 2.48 -20.51 -17.77
C LEU B 200 3.48 -19.51 -18.34
N ARG B 201 4.27 -19.96 -19.30
CA ARG B 201 5.11 -19.09 -20.11
C ARG B 201 4.62 -19.16 -21.56
N LYS B 202 4.55 -18.01 -22.22
CA LYS B 202 4.16 -17.96 -23.63
C LYS B 202 5.08 -17.01 -24.37
N ASP B 203 5.60 -17.47 -25.51
CA ASP B 203 6.50 -16.69 -26.37
C ASP B 203 5.98 -16.85 -27.80
N GLY B 204 5.04 -16.01 -28.17
CA GLY B 204 4.34 -16.16 -29.44
C GLY B 204 3.89 -17.60 -29.63
N GLU B 205 4.59 -18.32 -30.50
CA GLU B 205 4.46 -19.76 -30.63
C GLU B 205 4.10 -20.45 -29.31
N PHE B 207 4.29 -22.26 -25.89
CA PHE B 207 4.19 -22.00 -24.45
C PHE B 207 4.90 -23.10 -23.65
N SER B 208 4.92 -22.96 -22.33
CA SER B 208 5.68 -23.87 -21.48
C SER B 208 5.05 -23.89 -20.09
N SER B 209 5.40 -24.92 -19.32
CA SER B 209 4.82 -25.10 -17.98
C SER B 209 5.63 -26.15 -17.23
N ILE B 210 5.87 -25.90 -15.95
CA ILE B 210 6.67 -26.80 -15.11
C ILE B 210 6.02 -26.95 -13.75
N PRO B 211 4.92 -27.69 -13.62
CA PRO B 211 4.33 -27.93 -12.29
C PRO B 211 5.32 -28.62 -11.36
N LEU B 212 5.29 -28.21 -10.09
CA LEU B 212 6.04 -28.85 -9.03
C LEU B 212 5.09 -29.43 -8.00
N ALA B 213 5.41 -30.62 -7.52
CA ALA B 213 4.71 -31.25 -6.42
C ALA B 213 5.49 -32.50 -6.03
N GLY B 214 5.53 -32.79 -4.74
CA GLY B 214 6.50 -33.72 -4.22
C GLY B 214 7.69 -32.95 -3.71
N SER B 215 8.05 -33.14 -2.45
CA SER B 215 9.07 -32.33 -1.81
C SER B 215 9.98 -33.20 -0.96
N ALA B 216 11.22 -32.75 -0.80
CA ALA B 216 12.18 -33.41 0.06
C ALA B 216 13.29 -32.41 0.38
N ARG B 217 13.77 -32.46 1.62
CA ARG B 217 14.76 -31.49 2.09
C ARG B 217 16.13 -31.82 1.50
N ARG B 218 16.79 -30.80 0.96
CA ARG B 218 18.18 -30.95 0.55
C ARG B 218 19.03 -31.41 1.74
N GLN B 219 20.24 -31.87 1.43
CA GLN B 219 21.15 -32.27 2.49
C GLN B 219 22.47 -31.51 2.37
N PRO B 220 23.04 -31.05 3.49
CA PRO B 220 24.27 -30.24 3.40
C PRO B 220 25.40 -30.86 2.60
N ASP B 221 25.63 -32.17 2.72
CA ASP B 221 26.77 -32.80 2.07
C ASP B 221 26.35 -33.38 0.73
N GLU B 222 27.28 -33.32 -0.24
CA GLU B 222 26.97 -33.68 -1.62
C GLU B 222 26.46 -35.10 -1.76
N VAL B 223 26.73 -35.98 -0.81
CA VAL B 223 26.38 -37.39 -0.94
C VAL B 223 24.94 -37.61 -0.46
N LEU B 224 24.66 -37.30 0.81
CA LEU B 224 23.28 -37.35 1.29
C LEU B 224 22.34 -36.60 0.34
N ASP B 225 22.83 -35.53 -0.28
CA ASP B 225 22.05 -34.69 -1.18
C ASP B 225 21.47 -35.52 -2.31
N ARG B 226 22.32 -36.06 -3.19
CA ARG B 226 21.83 -36.87 -4.30
C ARG B 226 21.01 -38.05 -3.80
N GLU B 227 21.30 -38.54 -2.59
CA GLU B 227 20.51 -39.63 -2.04
C GLU B 227 19.09 -39.17 -1.71
N ALA B 228 18.96 -37.97 -1.13
CA ALA B 228 17.63 -37.43 -0.84
C ALA B 228 16.82 -37.22 -2.12
N GLY B 229 17.48 -36.88 -3.22
CA GLY B 229 16.79 -36.76 -4.48
C GLY B 229 16.28 -38.08 -5.00
N ASN B 230 17.10 -39.14 -4.88
CA ASN B 230 16.68 -40.46 -5.33
C ASN B 230 15.50 -40.96 -4.52
N ARG B 231 15.48 -40.67 -3.21
CA ARG B 231 14.34 -41.04 -2.39
C ARG B 231 13.07 -40.37 -2.89
N LEU B 232 13.16 -39.11 -3.29
CA LEU B 232 11.97 -38.41 -3.76
C LEU B 232 11.44 -39.02 -5.06
N LEU B 233 12.34 -39.46 -5.93
CA LEU B 233 11.91 -40.14 -7.15
C LEU B 233 11.23 -41.47 -6.82
N ALA B 234 11.84 -42.25 -5.92
CA ALA B 234 11.25 -43.53 -5.52
C ALA B 234 10.05 -43.36 -4.60
N SER B 235 9.82 -42.17 -4.05
CA SER B 235 8.79 -41.98 -3.03
C SER B 235 7.40 -42.12 -3.64
N GLU B 236 6.67 -43.15 -3.20
CA GLU B 236 5.34 -43.40 -3.75
C GLU B 236 4.37 -42.28 -3.37
N LYS B 237 4.40 -41.81 -2.13
CA LYS B 237 3.53 -40.73 -1.70
C LYS B 237 3.77 -39.47 -2.52
N ASP B 238 5.03 -39.04 -2.62
CA ASP B 238 5.36 -37.81 -3.32
C ASP B 238 5.09 -37.91 -4.81
N ARG B 239 5.25 -39.10 -5.40
CA ARG B 239 4.99 -39.25 -6.83
C ARG B 239 3.51 -39.17 -7.14
N HIS B 240 2.66 -39.65 -6.22
CA HIS B 240 1.21 -39.59 -6.41
C HIS B 240 0.67 -38.19 -6.11
N GLU B 241 1.28 -37.50 -5.13
CA GLU B 241 1.06 -36.08 -4.95
C GLU B 241 1.26 -35.30 -6.24
N HIS B 242 2.10 -35.82 -7.14
CA HIS B 242 2.51 -35.14 -8.36
C HIS B 242 1.65 -35.50 -9.57
N GLU B 243 1.38 -36.78 -9.78
CA GLU B 243 0.58 -37.19 -10.93
C GLU B 243 -0.82 -36.62 -10.87
N LEU B 244 -1.34 -36.37 -9.68
CA LEU B 244 -2.66 -35.74 -9.56
C LEU B 244 -2.66 -34.35 -10.16
N VAL B 245 -1.49 -33.68 -10.17
CA VAL B 245 -1.38 -32.37 -10.79
C VAL B 245 -1.24 -32.52 -12.30
N THR B 246 -0.26 -33.32 -12.75
CA THR B 246 0.06 -33.38 -14.17
C THR B 246 -1.09 -33.96 -14.98
N GLN B 247 -1.83 -34.93 -14.43
CA GLN B 247 -2.92 -35.52 -15.18
C GLN B 247 -4.09 -34.54 -15.31
N ALA B 248 -4.36 -33.77 -14.26
CA ALA B 248 -5.37 -32.72 -14.37
C ALA B 248 -5.01 -31.77 -15.49
N MET B 249 -3.73 -31.43 -15.63
CA MET B 249 -3.31 -30.44 -16.62
C MET B 249 -3.24 -31.05 -18.02
N LYS B 250 -2.81 -32.30 -18.13
CA LYS B 250 -2.78 -32.95 -19.44
C LYS B 250 -4.15 -32.92 -20.09
N GLU B 251 -5.20 -33.27 -19.32
CA GLU B 251 -6.55 -33.28 -19.88
C GLU B 251 -6.97 -31.90 -20.34
N VAL B 252 -6.56 -30.86 -19.62
CA VAL B 252 -6.95 -29.49 -19.98
C VAL B 252 -6.16 -29.02 -21.20
N LEU B 253 -4.83 -29.08 -21.12
CA LEU B 253 -3.99 -28.50 -22.17
C LEU B 253 -4.07 -29.30 -23.46
N ARG B 254 -4.37 -30.60 -23.39
CA ARG B 254 -4.60 -31.38 -24.60
C ARG B 254 -5.57 -30.68 -25.53
N GLU B 255 -6.64 -30.11 -24.97
CA GLU B 255 -7.71 -29.51 -25.76
C GLU B 255 -7.34 -28.18 -26.37
N ARG B 256 -6.21 -27.58 -26.00
CA ARG B 256 -5.96 -26.17 -26.26
C ARG B 256 -4.64 -25.94 -26.98
N SER B 257 -4.17 -26.91 -27.75
CA SER B 257 -2.89 -26.75 -28.43
C SER B 257 -2.89 -27.50 -29.75
N SER B 258 -2.13 -26.97 -30.72
CA SER B 258 -1.75 -27.78 -31.87
C SER B 258 -0.69 -28.81 -31.47
N GLU B 259 0.18 -28.44 -30.54
CA GLU B 259 1.29 -29.27 -30.09
C GLU B 259 1.33 -29.22 -28.56
N LEU B 260 1.57 -30.38 -27.95
CA LEU B 260 1.77 -30.44 -26.50
C LEU B 260 2.67 -31.62 -26.18
N HIS B 261 3.79 -31.35 -25.51
CA HIS B 261 4.77 -32.36 -25.18
C HIS B 261 4.88 -32.49 -23.66
N VAL B 262 4.84 -33.72 -23.17
CA VAL B 262 4.93 -34.00 -21.72
C VAL B 262 5.67 -35.31 -21.53
N PRO B 263 6.46 -35.40 -20.47
CA PRO B 263 7.11 -36.68 -20.14
C PRO B 263 6.27 -37.52 -19.20
N SER B 264 6.60 -38.82 -19.20
CA SER B 264 5.84 -39.78 -18.40
C SER B 264 6.37 -39.92 -16.98
N SER B 265 7.67 -39.63 -16.77
CA SER B 265 8.20 -39.57 -15.42
C SER B 265 8.65 -38.15 -15.11
N PRO B 266 8.46 -37.67 -13.88
CA PRO B 266 8.99 -36.36 -13.52
C PRO B 266 10.50 -36.39 -13.36
N GLN B 267 11.12 -35.25 -13.62
CA GLN B 267 12.53 -35.05 -13.30
C GLN B 267 12.65 -34.27 -12.01
N LEU B 268 13.87 -34.21 -11.48
CA LEU B 268 14.16 -33.51 -10.24
C LEU B 268 14.72 -32.12 -10.52
N ILE B 269 14.33 -31.17 -9.68
CA ILE B 269 14.89 -29.82 -9.71
C ILE B 269 15.10 -29.39 -8.27
N THR B 270 16.04 -28.48 -8.06
CA THR B 270 16.37 -28.00 -6.73
C THR B 270 15.97 -26.54 -6.56
N THR B 271 15.54 -26.23 -5.35
CA THR B 271 15.65 -24.89 -4.80
C THR B 271 16.77 -25.00 -3.80
N PRO B 272 17.15 -23.92 -3.10
CA PRO B 272 18.20 -24.07 -2.08
C PRO B 272 17.77 -24.97 -0.92
N THR B 273 16.49 -24.96 -0.55
CA THR B 273 16.02 -25.70 0.61
C THR B 273 15.44 -27.07 0.27
N LEU B 274 14.96 -27.28 -0.95
CA LEU B 274 14.15 -28.46 -1.24
C LEU B 274 14.48 -29.05 -2.61
N TRP B 275 14.21 -30.34 -2.75
CA TRP B 275 14.05 -30.98 -4.04
C TRP B 275 12.58 -30.96 -4.43
N HIS B 276 12.31 -30.96 -5.73
CA HIS B 276 10.95 -31.07 -6.21
C HIS B 276 10.89 -31.95 -7.45
N LEU B 277 9.82 -32.70 -7.56
CA LEU B 277 9.52 -33.42 -8.80
C LEU B 277 8.93 -32.42 -9.78
N ALA B 278 9.52 -32.35 -10.97
CA ALA B 278 9.12 -31.38 -11.99
C ALA B 278 8.75 -32.12 -13.26
N THR B 279 7.59 -31.78 -13.81
CA THR B 279 7.14 -32.30 -15.09
C THR B 279 7.01 -31.12 -16.06
N PRO B 280 7.91 -30.95 -17.02
CA PRO B 280 7.79 -29.80 -17.93
C PRO B 280 6.84 -30.08 -19.09
N PHE B 281 6.01 -29.09 -19.41
CA PHE B 281 5.15 -29.10 -20.60
C PHE B 281 5.70 -28.09 -21.60
N GLU B 282 5.90 -28.53 -22.84
CA GLU B 282 6.16 -27.60 -23.94
C GLU B 282 5.11 -27.83 -25.01
N GLY B 283 4.35 -26.78 -25.33
CA GLY B 283 3.31 -26.89 -26.33
C GLY B 283 3.26 -25.64 -27.19
N LYS B 284 2.54 -25.77 -28.31
CA LYS B 284 2.24 -24.66 -29.20
C LYS B 284 0.74 -24.38 -29.14
N ALA B 285 0.38 -23.11 -29.25
CA ALA B 285 -0.98 -22.67 -28.96
C ALA B 285 -1.61 -22.02 -30.19
N ASN B 286 -2.95 -21.98 -30.15
CA ASN B 286 -3.71 -21.29 -31.19
C ASN B 286 -3.45 -19.79 -31.09
N SER B 287 -3.86 -19.06 -32.13
CA SER B 287 -3.72 -17.62 -32.13
C SER B 287 -4.83 -16.92 -31.37
N GLN B 288 -5.84 -17.66 -30.88
CA GLN B 288 -6.85 -17.09 -30.02
C GLN B 288 -6.44 -17.10 -28.55
N GLU B 289 -5.23 -17.57 -28.25
CA GLU B 289 -4.74 -17.71 -26.89
C GLU B 289 -3.67 -16.67 -26.61
N ASN B 290 -3.73 -16.08 -25.42
CA ASN B 290 -2.66 -15.26 -24.87
C ASN B 290 -2.19 -15.90 -23.57
N ALA B 291 -1.23 -15.23 -22.90
CA ALA B 291 -0.64 -15.82 -21.71
C ALA B 291 -1.63 -15.93 -20.56
N LEU B 292 -2.58 -15.00 -20.46
CA LEU B 292 -3.53 -15.04 -19.36
C LEU B 292 -4.66 -16.03 -19.60
N THR B 293 -5.02 -16.26 -20.86
CA THR B 293 -6.03 -17.28 -21.16
C THR B 293 -5.53 -18.66 -20.74
N LEU B 294 -4.37 -19.08 -21.25
CA LEU B 294 -3.81 -20.37 -20.87
C LEU B 294 -3.45 -20.40 -19.40
N ALA B 295 -3.29 -19.23 -18.76
CA ALA B 295 -2.94 -19.21 -17.34
C ALA B 295 -4.17 -19.33 -16.46
N CYS B 296 -5.25 -18.61 -16.80
CA CYS B 296 -6.50 -18.78 -16.06
C CYS B 296 -7.05 -20.18 -16.23
N LEU B 297 -6.82 -20.79 -17.39
CA LEU B 297 -7.25 -22.16 -17.62
C LEU B 297 -6.66 -23.11 -16.59
N LEU B 298 -5.37 -22.96 -16.30
CA LEU B 298 -4.69 -23.93 -15.44
C LEU B 298 -4.86 -23.60 -13.97
N HIS B 299 -4.88 -22.32 -13.60
CA HIS B 299 -4.80 -21.95 -12.20
C HIS B 299 -6.15 -22.00 -11.47
N PRO B 300 -6.18 -22.53 -10.24
CA PRO B 300 -5.10 -23.24 -9.55
C PRO B 300 -4.98 -24.70 -9.95
N THR B 301 -3.74 -25.17 -10.13
CA THR B 301 -3.46 -26.58 -10.34
C THR B 301 -3.83 -27.36 -9.09
N PRO B 302 -3.83 -28.70 -9.14
CA PRO B 302 -3.91 -29.48 -7.89
C PRO B 302 -2.69 -29.34 -7.01
N ALA B 303 -1.69 -28.53 -7.42
CA ALA B 303 -0.57 -28.21 -6.55
C ALA B 303 -0.93 -27.17 -5.50
N LEU B 304 -1.91 -26.30 -5.80
CA LEU B 304 -2.30 -25.24 -4.89
C LEU B 304 -3.73 -25.35 -4.39
N SER B 305 -4.58 -26.13 -5.04
CA SER B 305 -5.94 -26.35 -4.55
C SER B 305 -6.19 -27.83 -4.28
N GLY B 306 -6.11 -28.66 -5.31
CA GLY B 306 -6.35 -30.09 -5.18
C GLY B 306 -7.26 -30.60 -6.27
N PHE B 307 -7.41 -31.91 -6.29
CA PHE B 307 -8.20 -32.60 -7.31
C PHE B 307 -9.30 -33.43 -6.65
N PRO B 308 -10.57 -33.20 -7.05
CA PRO B 308 -11.11 -32.17 -7.95
C PRO B 308 -11.01 -30.77 -7.35
N HIS B 309 -10.84 -29.75 -8.19
CA HIS B 309 -10.60 -28.40 -7.68
C HIS B 309 -11.74 -27.95 -6.76
N GLN B 310 -12.98 -28.16 -7.18
CA GLN B 310 -14.11 -27.63 -6.43
C GLN B 310 -14.23 -28.28 -5.07
N ALA B 311 -14.27 -29.61 -5.04
CA ALA B 311 -14.29 -30.33 -3.77
C ALA B 311 -13.11 -29.89 -2.88
N ALA B 312 -11.91 -29.91 -3.45
CA ALA B 312 -10.74 -29.45 -2.70
C ALA B 312 -10.95 -28.04 -2.16
N THR B 313 -11.57 -27.17 -2.96
CA THR B 313 -11.82 -25.80 -2.54
C THR B 313 -12.82 -25.73 -1.39
N GLN B 314 -13.78 -26.65 -1.35
CA GLN B 314 -14.73 -26.69 -0.25
C GLN B 314 -14.05 -27.14 1.04
N VAL B 315 -13.03 -27.99 0.94
CA VAL B 315 -12.30 -28.43 2.12
C VAL B 315 -11.34 -27.35 2.60
N ILE B 316 -10.58 -26.76 1.66
CA ILE B 316 -9.79 -25.56 1.97
C ILE B 316 -10.65 -24.54 2.68
N ALA B 317 -11.82 -24.24 2.12
CA ALA B 317 -12.71 -23.25 2.69
C ALA B 317 -13.05 -23.58 4.15
N GLU B 318 -13.34 -24.85 4.43
CA GLU B 318 -13.84 -25.25 5.74
C GLU B 318 -12.72 -25.60 6.73
N LEU B 319 -11.46 -25.37 6.38
CA LEU B 319 -10.36 -25.74 7.28
C LEU B 319 -9.40 -24.60 7.57
N GLU B 320 -9.03 -23.81 6.57
CA GLU B 320 -8.09 -22.72 6.79
C GLU B 320 -8.79 -21.56 7.51
N PRO B 321 -8.36 -21.20 8.74
CA PRO B 321 -8.96 -20.03 9.40
C PRO B 321 -8.38 -18.71 8.93
N PHE B 322 -8.01 -18.63 7.64
CA PHE B 322 -7.53 -17.40 7.05
C PHE B 322 -7.86 -17.43 5.57
N ASP B 323 -8.09 -16.24 5.02
CA ASP B 323 -8.28 -16.11 3.58
C ASP B 323 -6.91 -15.99 2.91
N ARG B 324 -6.66 -16.85 1.93
CA ARG B 324 -5.36 -16.85 1.26
C ARG B 324 -5.12 -15.54 0.53
N GLU B 325 -6.13 -15.01 -0.14
CA GLU B 325 -6.03 -13.77 -0.91
C GLU B 325 -5.03 -14.01 -2.04
N LEU B 326 -3.91 -13.28 -2.09
CA LEU B 326 -2.95 -13.44 -3.18
C LEU B 326 -2.10 -14.69 -3.05
N PHE B 327 -1.99 -15.24 -1.85
CA PHE B 327 -1.21 -16.45 -1.64
C PHE B 327 -1.84 -17.62 -2.37
N GLY B 328 -0.99 -18.43 -3.00
CA GLY B 328 -1.45 -19.54 -3.81
C GLY B 328 -1.87 -19.17 -5.21
N GLY B 329 -2.03 -17.89 -5.50
CA GLY B 329 -2.33 -17.44 -6.84
C GLY B 329 -1.09 -17.42 -7.69
N ILE B 330 -1.20 -16.77 -8.83
CA ILE B 330 -0.07 -16.59 -9.75
C ILE B 330 0.31 -15.12 -9.78
N VAL B 331 1.56 -14.88 -10.14
CA VAL B 331 2.07 -13.53 -10.29
C VAL B 331 2.95 -13.49 -11.53
N GLY B 332 2.81 -12.42 -12.31
CA GLY B 332 3.54 -12.32 -13.55
C GLY B 332 3.12 -11.14 -14.42
N TRP B 333 3.08 -11.34 -15.72
CA TRP B 333 2.87 -10.22 -16.64
C TRP B 333 2.35 -10.73 -17.98
N CYS B 334 1.77 -9.81 -18.74
CA CYS B 334 1.26 -10.10 -20.08
C CYS B 334 1.38 -8.82 -20.90
N ASP B 335 1.82 -8.94 -22.14
CA ASP B 335 1.79 -7.80 -23.06
C ASP B 335 0.60 -7.94 -24.01
N SER B 336 0.60 -7.19 -25.11
CA SER B 336 -0.58 -7.14 -25.96
C SER B 336 -0.46 -8.00 -27.21
N GLU B 337 0.75 -8.39 -27.60
CA GLU B 337 0.89 -9.40 -28.64
C GLU B 337 0.48 -10.80 -28.16
N GLY B 338 0.15 -10.95 -26.88
CA GLY B 338 -0.17 -12.24 -26.32
C GLY B 338 0.97 -12.88 -25.55
N ASN B 339 2.18 -12.34 -25.63
CA ASN B 339 3.27 -12.87 -24.83
C ASN B 339 3.04 -12.57 -23.35
N GLY B 340 3.78 -13.29 -22.51
CA GLY B 340 3.58 -13.17 -21.08
C GLY B 340 4.23 -14.33 -20.35
N GLU B 341 4.17 -14.25 -19.03
CA GLU B 341 4.71 -15.30 -18.17
C GLU B 341 4.12 -15.16 -16.77
N TRP B 342 3.81 -16.30 -16.16
CA TRP B 342 3.14 -16.33 -14.88
C TRP B 342 3.69 -17.46 -14.03
N VAL B 343 3.95 -17.17 -12.76
CA VAL B 343 4.48 -18.15 -11.81
C VAL B 343 3.54 -18.20 -10.62
N VAL B 344 3.79 -19.17 -9.75
CA VAL B 344 2.90 -19.44 -8.62
C VAL B 344 3.34 -18.59 -7.43
N THR B 345 2.36 -17.97 -6.77
CA THR B 345 2.60 -17.08 -5.64
C THR B 345 2.85 -17.94 -4.39
N ILE B 346 4.09 -18.42 -4.27
CA ILE B 346 4.54 -19.18 -3.12
C ILE B 346 5.95 -18.72 -2.76
N ARG B 347 6.48 -19.29 -1.68
CA ARG B 347 7.78 -18.88 -1.14
C ARG B 347 7.85 -17.37 -1.04
N CYS B 348 6.84 -16.80 -0.41
CA CYS B 348 6.57 -15.39 -0.56
C CYS B 348 6.09 -14.79 0.75
N ALA B 349 6.13 -13.47 0.82
CA ALA B 349 5.54 -12.71 1.91
C ALA B 349 4.84 -11.49 1.35
N LYS B 350 3.76 -11.09 2.00
CA LYS B 350 3.21 -9.76 1.86
C LYS B 350 3.68 -8.94 3.04
N LEU B 351 4.22 -7.75 2.77
CA LEU B 351 4.70 -6.86 3.82
C LEU B 351 4.13 -5.47 3.62
N ARG B 352 3.82 -4.82 4.73
CA ARG B 352 3.25 -3.48 4.73
C ARG B 352 3.72 -2.78 6.00
N GLU B 353 4.49 -1.71 5.82
CA GLU B 353 5.00 -0.95 6.95
C GLU B 353 5.91 -1.85 7.78
N ASN B 354 5.50 -2.24 9.00
CA ASN B 354 6.34 -3.03 9.88
C ASN B 354 5.79 -4.45 10.09
N GLN B 355 4.88 -4.89 9.23
CA GLN B 355 4.23 -6.19 9.38
C GLN B 355 4.51 -7.07 8.17
N VAL B 356 4.52 -8.38 8.40
CA VAL B 356 4.91 -9.35 7.39
C VAL B 356 4.12 -10.63 7.59
N ARG B 357 3.76 -11.26 6.48
CA ARG B 357 2.99 -12.51 6.50
C ARG B 357 3.63 -13.46 5.49
N LEU B 358 4.31 -14.50 5.99
CA LEU B 358 4.85 -15.55 5.15
C LEU B 358 3.80 -16.64 4.95
N PHE B 359 3.90 -17.34 3.82
CA PHE B 359 2.88 -18.29 3.40
C PHE B 359 3.54 -19.57 2.92
N ALA B 360 2.85 -20.70 3.12
CA ALA B 360 3.27 -21.97 2.58
C ALA B 360 2.10 -22.95 2.61
N GLY B 361 2.06 -23.83 1.61
CA GLY B 361 1.07 -24.88 1.56
C GLY B 361 1.73 -26.23 1.32
N ALA B 362 0.92 -27.28 1.41
CA ALA B 362 1.39 -28.64 1.19
C ALA B 362 0.23 -29.51 0.73
N GLY B 363 0.54 -30.46 -0.15
CA GLY B 363 -0.47 -31.35 -0.71
C GLY B 363 -0.77 -32.54 0.19
N ILE B 364 -2.04 -32.69 0.57
CA ILE B 364 -2.49 -33.75 1.46
C ILE B 364 -3.07 -34.89 0.63
N VAL B 365 -2.51 -36.07 0.81
CA VAL B 365 -3.02 -37.30 0.20
C VAL B 365 -3.17 -38.29 1.35
N PRO B 366 -3.80 -39.45 1.17
CA PRO B 366 -4.01 -40.34 2.31
C PRO B 366 -2.73 -40.76 3.01
N ALA B 367 -1.60 -40.77 2.30
CA ALA B 367 -0.33 -41.14 2.91
C ALA B 367 0.30 -39.99 3.69
N SER B 368 -0.37 -38.85 3.82
CA SER B 368 0.24 -37.69 4.44
C SER B 368 0.25 -37.84 5.95
N SER B 369 1.30 -37.32 6.56
CA SER B 369 1.49 -37.33 8.00
C SER B 369 1.22 -35.94 8.57
N PRO B 370 0.35 -35.79 9.56
CA PRO B 370 0.12 -34.46 10.14
C PRO B 370 1.41 -33.74 10.51
N LEU B 371 2.24 -34.34 11.37
CA LEU B 371 3.53 -33.70 11.67
C LEU B 371 4.41 -33.63 10.43
N GLY B 372 4.25 -34.58 9.51
CA GLY B 372 5.07 -34.57 8.32
C GLY B 372 4.83 -33.33 7.46
N GLU B 373 3.56 -33.00 7.23
CA GLU B 373 3.22 -31.83 6.44
C GLU B 373 3.36 -30.54 7.23
N TRP B 374 3.36 -30.60 8.56
CA TRP B 374 3.76 -29.44 9.34
C TRP B 374 5.21 -29.09 9.06
N ARG B 375 6.07 -30.12 8.94
CA ARG B 375 7.48 -29.88 8.70
C ARG B 375 7.77 -29.52 7.25
N GLU B 376 7.02 -30.08 6.30
CA GLU B 376 7.22 -29.69 4.91
C GLU B 376 6.89 -28.22 4.69
N THR B 377 5.78 -27.75 5.27
CA THR B 377 5.49 -26.32 5.20
C THR B 377 6.46 -25.51 6.04
N GLY B 378 6.91 -26.07 7.17
CA GLY B 378 7.95 -25.40 7.94
C GLY B 378 9.19 -25.13 7.10
N VAL B 379 9.71 -26.18 6.46
CA VAL B 379 10.88 -26.00 5.60
C VAL B 379 10.58 -25.02 4.48
N LYS B 380 9.33 -24.96 4.01
CA LYS B 380 9.00 -24.09 2.90
C LYS B 380 8.97 -22.62 3.31
N LEU B 381 8.65 -22.32 4.56
CA LEU B 381 8.65 -20.95 5.04
C LEU B 381 10.06 -20.42 5.23
N SER B 382 11.06 -21.30 5.30
CA SER B 382 12.41 -20.84 5.64
C SER B 382 13.07 -20.10 4.49
N THR B 383 12.63 -20.28 3.25
CA THR B 383 13.12 -19.43 2.17
C THR B 383 12.92 -17.96 2.52
N MET B 384 11.70 -17.60 2.93
CA MET B 384 11.44 -16.22 3.31
C MET B 384 12.04 -15.90 4.66
N LEU B 385 11.90 -16.80 5.65
CA LEU B 385 12.51 -16.55 6.95
C LEU B 385 13.98 -16.22 6.82
N ASN B 386 14.68 -16.83 5.85
CA ASN B 386 16.10 -16.56 5.70
C ASN B 386 16.35 -15.22 5.05
N VAL B 387 15.42 -14.74 4.21
CA VAL B 387 15.48 -13.35 3.76
C VAL B 387 15.46 -12.42 4.96
N PHE B 388 14.76 -12.83 6.02
CA PHE B 388 14.62 -12.02 7.23
C PHE B 388 15.67 -12.34 8.29
N GLY B 389 16.74 -13.04 7.92
CA GLY B 389 17.78 -13.38 8.87
C GLY B 389 17.38 -14.34 9.96
N LEU B 390 16.11 -14.74 10.03
CA LEU B 390 15.67 -15.74 10.99
C LEU B 390 16.03 -17.14 10.48
#